data_6I54
#
_entry.id   6I54
#
_cell.length_a   1.00
_cell.length_b   1.00
_cell.length_c   1.00
_cell.angle_alpha   90.00
_cell.angle_beta   90.00
_cell.angle_gamma   90.00
#
_symmetry.space_group_name_H-M   'P 1'
#
loop_
_entity.id
_entity.type
_entity.pdbx_description
1 polymer Nucleoprotein
2 polymer 'Influenza virus nucleoprotein'
#
loop_
_entity_poly.entity_id
_entity_poly.type
_entity_poly.pdbx_seq_one_letter_code
_entity_poly.pdbx_strand_id
1 'polypeptide(L)'
;NATEIRASVGKMIDGIGRFYIQMCTELKLSDYEGRLIQNSLTIERMVLSAFDTGGPIYRRVDGKWRRELILYDKEEIRRI
WRQANNGDDATAGLTHMMIWHSNLNDATYQRTRALVRTGMDPRMCSLMQGSTLPRRSGAAGAAVKGVGTMVMELIRMIKR
GINRRTRIAYERMCNILKGKFQTAAQRTMVDQVRESRNPGNAEFEDLIFLARSALILRGSVAHKSCLPACVYGSAVASGY
DFEREGYSLVGIDPFRLLQNSQVYSLIRPNENPAHKSQLVWMACHSAAFEDLRVSSFIRGTKVVPRGKLSTRGVQIASNE
NMETMESSTLELRSRYWAIRTRSGGNTDVSFQGRGVFELSDEKATSPIVPSFDMSNEGSYFF
;
A,C
2 'polypeptide(L)' SSGQISIQPTFSVQRNLPF B,D
#
# COMPACT_ATOMS: atom_id res chain seq x y z
N ASN A 1 0.23 14.24 7.10
CA ASN A 1 -0.89 13.97 6.14
C ASN A 1 -2.28 14.30 6.72
N ALA A 2 -2.64 15.56 6.46
CA ALA A 2 -3.89 16.17 6.88
C ALA A 2 -5.02 15.91 5.88
N THR A 3 -4.88 14.92 5.01
CA THR A 3 -5.92 14.69 4.03
C THR A 3 -6.91 13.66 4.53
N GLU A 4 -6.47 12.42 4.65
CA GLU A 4 -7.35 11.35 5.08
C GLU A 4 -7.75 11.61 6.52
N ILE A 5 -6.78 11.47 7.41
CA ILE A 5 -7.00 11.59 8.86
C ILE A 5 -7.86 12.81 9.24
N ARG A 6 -7.56 14.00 8.71
CA ARG A 6 -8.33 15.16 9.15
C ARG A 6 -9.69 15.30 8.47
N ALA A 7 -9.80 14.76 7.28
CA ALA A 7 -11.01 14.99 6.51
C ALA A 7 -11.92 13.75 6.55
N SER A 8 -11.33 12.58 6.71
CA SER A 8 -12.12 11.37 6.81
C SER A 8 -12.86 11.31 8.15
N VAL A 9 -12.33 12.01 9.13
CA VAL A 9 -12.92 11.94 10.44
C VAL A 9 -13.94 13.06 10.50
N GLY A 10 -13.72 14.04 9.63
CA GLY A 10 -14.70 15.08 9.43
C GLY A 10 -15.96 14.52 8.81
N LYS A 11 -15.78 13.52 7.98
CA LYS A 11 -16.88 12.94 7.29
C LYS A 11 -17.65 12.10 8.26
N MET A 12 -16.96 11.60 9.27
CA MET A 12 -17.71 10.79 10.21
C MET A 12 -18.45 11.70 11.17
N ILE A 13 -17.94 12.93 11.34
CA ILE A 13 -18.55 13.88 12.21
C ILE A 13 -19.81 14.45 11.53
N ASP A 14 -19.71 14.74 10.22
CA ASP A 14 -20.84 15.19 9.39
C ASP A 14 -21.98 14.21 9.53
N GLY A 15 -21.66 12.93 9.59
CA GLY A 15 -22.75 11.98 9.60
C GLY A 15 -23.57 12.15 10.87
N ILE A 16 -22.86 12.26 11.99
CA ILE A 16 -23.53 12.31 13.26
C ILE A 16 -24.39 13.56 13.25
N GLY A 17 -23.81 14.66 12.76
CA GLY A 17 -24.51 15.94 12.68
C GLY A 17 -25.81 15.77 11.90
N ARG A 18 -25.68 15.67 10.58
CA ARG A 18 -26.78 15.37 9.69
C ARG A 18 -27.81 14.45 10.33
N PHE A 19 -27.38 13.28 10.82
CA PHE A 19 -28.34 12.39 11.44
C PHE A 19 -29.15 13.08 12.60
N TYR A 20 -28.43 13.60 13.58
CA TYR A 20 -29.05 14.31 14.66
C TYR A 20 -30.05 15.33 14.19
N ILE A 21 -29.75 16.05 13.12
CA ILE A 21 -30.67 17.02 12.58
C ILE A 21 -31.93 16.31 12.06
N GLN A 22 -31.74 15.24 11.29
CA GLN A 22 -32.88 14.47 10.72
C GLN A 22 -33.76 13.95 11.81
N MET A 23 -33.11 13.32 12.74
CA MET A 23 -33.80 12.78 13.88
C MET A 23 -34.49 13.85 14.71
N CYS A 24 -33.90 15.02 14.83
CA CYS A 24 -34.66 16.06 15.48
C CYS A 24 -35.86 16.45 14.66
N THR A 25 -35.69 16.50 13.36
CA THR A 25 -36.80 16.88 12.50
C THR A 25 -38.00 15.89 12.60
N GLU A 26 -37.73 14.63 12.97
CA GLU A 26 -38.79 13.66 13.12
C GLU A 26 -39.53 13.94 14.41
N LEU A 27 -38.78 13.99 15.49
CA LEU A 27 -39.41 14.24 16.77
C LEU A 27 -40.09 15.61 16.80
N LYS A 28 -39.91 16.38 15.75
CA LYS A 28 -40.50 17.70 15.68
C LYS A 28 -40.11 18.51 16.89
N LEU A 29 -38.89 18.31 17.44
CA LEU A 29 -38.35 19.20 18.50
C LEU A 29 -37.99 20.63 18.05
N SER A 30 -37.87 21.53 19.04
CA SER A 30 -37.52 22.91 18.78
C SER A 30 -36.00 23.08 18.83
N ASP A 31 -35.54 24.31 18.59
CA ASP A 31 -34.12 24.59 18.68
C ASP A 31 -33.65 24.42 20.11
N TYR A 32 -34.34 25.03 21.04
CA TYR A 32 -33.95 24.87 22.42
C TYR A 32 -34.05 23.42 22.82
N GLU A 33 -34.99 22.73 22.24
CA GLU A 33 -35.23 21.35 22.64
C GLU A 33 -34.32 20.37 21.91
N GLY A 34 -33.52 20.86 20.96
CA GLY A 34 -32.59 19.98 20.28
C GLY A 34 -31.24 20.18 20.89
N ARG A 35 -31.13 21.23 21.70
CA ARG A 35 -29.85 21.52 22.34
C ARG A 35 -29.76 20.97 23.75
N LEU A 36 -30.80 20.20 24.10
CA LEU A 36 -30.90 19.65 25.42
C LEU A 36 -30.12 18.36 25.52
N ILE A 37 -28.93 18.46 26.07
CA ILE A 37 -28.11 17.28 26.18
C ILE A 37 -28.86 16.05 26.54
N GLN A 38 -29.94 16.20 27.30
CA GLN A 38 -30.81 15.10 27.69
C GLN A 38 -31.36 14.42 26.43
N ASN A 39 -32.20 15.14 25.68
CA ASN A 39 -32.71 14.58 24.46
C ASN A 39 -31.61 14.06 23.58
N SER A 40 -30.50 14.78 23.44
CA SER A 40 -29.45 14.30 22.55
C SER A 40 -29.07 12.90 22.98
N LEU A 41 -28.76 12.71 24.25
CA LEU A 41 -28.38 11.39 24.74
C LEU A 41 -29.33 10.29 24.34
N THR A 42 -30.59 10.50 24.64
CA THR A 42 -31.60 9.53 24.33
C THR A 42 -31.47 9.14 22.86
N ILE A 43 -31.37 10.13 21.98
CA ILE A 43 -31.24 9.82 20.58
C ILE A 43 -30.00 8.97 20.27
N GLU A 44 -28.88 9.33 20.89
CA GLU A 44 -27.65 8.65 20.59
C GLU A 44 -27.77 7.18 20.97
N ARG A 45 -28.44 6.92 22.09
CA ARG A 45 -28.53 5.55 22.55
C ARG A 45 -29.54 4.74 21.72
N MET A 46 -30.68 5.33 21.34
CA MET A 46 -31.64 4.78 20.35
C MET A 46 -30.95 4.22 19.15
N VAL A 47 -29.79 4.76 18.86
CA VAL A 47 -29.19 4.41 17.60
C VAL A 47 -28.23 3.31 17.84
N LEU A 48 -27.41 3.45 18.86
CA LEU A 48 -26.41 2.45 19.13
C LEU A 48 -27.11 1.12 19.48
N SER A 49 -28.28 1.22 20.11
CA SER A 49 -29.09 0.04 20.43
C SER A 49 -29.54 -0.60 19.12
N ALA A 50 -30.09 0.23 18.23
CA ALA A 50 -30.63 -0.31 16.99
C ALA A 50 -29.54 -0.91 16.11
N PHE A 51 -28.31 -0.46 16.23
CA PHE A 51 -27.27 -1.01 15.41
C PHE A 51 -26.49 -2.07 16.18
N ASP A 52 -27.11 -2.65 17.22
CA ASP A 52 -26.45 -3.63 18.12
C ASP A 52 -27.38 -4.20 19.21
N THR A 53 -36.46 0.56 19.20
CA THR A 53 -36.15 1.00 20.57
C THR A 53 -36.76 2.34 20.79
N GLY A 54 -36.74 2.77 22.04
CA GLY A 54 -37.41 4.01 22.44
C GLY A 54 -36.53 4.72 23.45
N GLY A 55 -37.07 5.74 24.10
CA GLY A 55 -36.31 6.46 25.11
C GLY A 55 -37.03 7.69 25.62
N PRO A 56 -36.43 8.34 26.65
CA PRO A 56 -36.99 9.49 27.33
C PRO A 56 -36.77 10.77 26.51
N ILE A 57 -37.85 11.47 26.21
CA ILE A 57 -37.73 12.69 25.42
C ILE A 57 -38.42 13.87 26.07
N TYR A 58 -37.65 14.87 26.49
CA TYR A 58 -38.21 16.00 27.20
C TYR A 58 -38.65 17.16 26.31
N ARG A 59 -39.84 17.66 26.62
CA ARG A 59 -40.47 18.68 25.81
C ARG A 59 -40.70 19.93 26.64
N ARG A 60 -40.81 21.07 25.96
CA ARG A 60 -40.97 22.36 26.68
C ARG A 60 -42.34 22.95 26.48
N VAL A 61 -43.17 22.99 27.51
CA VAL A 61 -44.46 23.69 27.43
C VAL A 61 -44.43 24.94 28.32
N ASP A 62 -45.30 25.91 28.04
CA ASP A 62 -45.41 27.13 28.86
C ASP A 62 -44.92 26.85 30.28
N GLY A 63 -43.72 27.30 30.63
CA GLY A 63 -43.25 27.16 32.01
C GLY A 63 -42.45 25.93 32.35
N LYS A 64 -43.07 24.76 32.21
CA LYS A 64 -42.51 23.48 32.74
C LYS A 64 -42.10 22.45 31.72
N TRP A 65 -41.32 21.45 32.13
CA TRP A 65 -40.80 20.50 31.16
C TRP A 65 -41.54 19.19 31.17
N ARG A 66 -41.96 18.72 30.00
CA ARG A 66 -42.74 17.51 29.92
C ARG A 66 -41.90 16.36 29.35
N ARG A 67 -41.82 15.27 30.10
CA ARG A 67 -41.07 14.10 29.65
C ARG A 67 -41.95 13.17 28.82
N GLU A 68 -41.60 12.90 27.58
CA GLU A 68 -42.32 11.91 26.76
C GLU A 68 -41.61 10.57 26.65
N LEU A 69 -42.34 9.50 26.84
CA LEU A 69 -41.74 8.19 26.71
C LEU A 69 -42.08 7.71 25.33
N ILE A 70 -41.11 7.59 24.42
CA ILE A 70 -41.45 7.22 23.03
C ILE A 70 -40.67 6.04 22.50
N LEU A 71 -41.19 5.47 21.41
CA LEU A 71 -40.58 4.30 20.76
C LEU A 71 -40.48 4.48 19.25
N TYR A 72 -39.41 3.97 18.64
CA TYR A 72 -39.21 4.09 17.17
C TYR A 72 -38.86 2.76 16.50
N ASP A 73 -39.22 2.60 15.24
CA ASP A 73 -38.89 1.39 14.54
C ASP A 73 -37.40 1.15 14.57
N LYS A 74 -36.95 0.16 15.33
CA LYS A 74 -35.51 -0.09 15.38
C LYS A 74 -34.86 0.00 14.01
N GLU A 75 -35.62 -0.30 12.93
CA GLU A 75 -35.01 -0.32 11.61
C GLU A 75 -35.11 1.02 10.99
N GLU A 76 -36.25 1.67 11.23
CA GLU A 76 -36.35 3.02 10.78
C GLU A 76 -35.11 3.81 11.20
N ILE A 77 -34.67 3.60 12.45
CA ILE A 77 -33.50 4.33 12.99
C ILE A 77 -32.31 4.00 12.17
N ARG A 78 -32.15 2.72 11.89
CA ARG A 78 -31.01 2.28 11.11
C ARG A 78 -31.08 2.85 9.70
N ARG A 79 -32.30 3.07 9.23
CA ARG A 79 -32.48 3.60 7.90
C ARG A 79 -32.03 5.08 7.83
N ILE A 80 -32.56 5.84 8.78
CA ILE A 80 -32.26 7.26 8.84
C ILE A 80 -30.77 7.49 9.02
N TRP A 81 -30.14 6.65 9.84
CA TRP A 81 -28.72 6.73 10.08
C TRP A 81 -27.96 6.67 8.76
N ARG A 82 -28.15 5.60 7.97
CA ARG A 82 -27.35 5.42 6.75
C ARG A 82 -27.66 6.56 5.77
N GLN A 83 -28.94 6.91 5.67
CA GLN A 83 -29.28 8.03 4.85
C GLN A 83 -28.32 9.17 5.09
N ALA A 84 -27.98 9.43 6.36
CA ALA A 84 -27.11 10.57 6.70
C ALA A 84 -25.70 10.27 6.29
N ASN A 85 -25.22 9.06 6.54
CA ASN A 85 -23.87 8.66 6.08
C ASN A 85 -23.73 8.12 4.65
N ASN A 86 -24.57 8.58 3.74
CA ASN A 86 -24.51 8.07 2.36
C ASN A 86 -24.80 6.56 2.23
N GLY A 87 -25.66 6.02 3.08
CA GLY A 87 -25.93 4.61 2.99
C GLY A 87 -24.77 3.77 3.48
N ASP A 88 -23.77 4.43 4.07
CA ASP A 88 -22.67 3.72 4.69
C ASP A 88 -23.02 3.27 6.09
N ASP A 89 -22.12 2.52 6.69
CA ASP A 89 -22.36 2.02 8.04
C ASP A 89 -21.77 3.00 9.05
N ALA A 90 -20.63 3.53 8.65
CA ALA A 90 -19.85 4.46 9.42
C ALA A 90 -19.77 3.93 10.83
N THR A 91 -19.13 2.78 11.02
CA THR A 91 -19.03 2.21 12.37
C THR A 91 -18.31 3.20 13.23
N ALA A 92 -17.31 3.85 12.64
CA ALA A 92 -16.64 4.91 13.36
C ALA A 92 -17.63 5.85 14.06
N GLY A 93 -18.61 6.30 13.30
CA GLY A 93 -19.60 7.19 13.85
C GLY A 93 -20.33 6.68 15.07
N LEU A 94 -20.75 5.43 15.07
CA LEU A 94 -21.49 4.86 16.17
C LEU A 94 -20.53 4.69 17.33
N THR A 95 -19.31 4.31 16.97
CA THR A 95 -18.26 4.07 17.93
C THR A 95 -17.95 5.37 18.59
N HIS A 96 -18.11 6.49 17.87
CA HIS A 96 -17.79 7.82 18.41
C HIS A 96 -18.73 8.15 19.55
N MET A 97 -20.01 7.88 19.38
CA MET A 97 -20.98 8.21 20.39
C MET A 97 -20.87 7.12 21.38
N MET A 98 -20.22 6.03 20.99
CA MET A 98 -20.01 4.88 21.88
C MET A 98 -19.03 5.40 22.91
N ILE A 99 -18.12 6.27 22.52
CA ILE A 99 -17.14 6.80 23.46
C ILE A 99 -17.64 8.00 24.27
N TRP A 100 -18.42 8.83 23.60
CA TRP A 100 -18.88 10.02 24.26
C TRP A 100 -19.61 9.51 25.49
N HIS A 101 -20.30 8.39 25.33
CA HIS A 101 -21.03 7.85 26.43
C HIS A 101 -20.02 7.36 27.42
N SER A 102 -18.99 6.69 26.93
CA SER A 102 -17.98 6.15 27.82
C SER A 102 -17.39 7.25 28.71
N ASN A 103 -16.89 8.27 28.07
CA ASN A 103 -16.18 9.30 28.75
C ASN A 103 -17.02 10.05 29.78
N LEU A 104 -18.34 10.05 29.54
CA LEU A 104 -19.33 10.58 30.43
C LEU A 104 -19.52 9.65 31.59
N ASN A 105 -19.32 8.36 31.37
CA ASN A 105 -19.64 7.43 32.44
C ASN A 105 -18.43 7.28 33.33
N ASP A 106 -17.26 7.42 32.74
CA ASP A 106 -16.07 7.31 33.47
C ASP A 106 -15.89 8.55 34.40
N ALA A 107 -16.73 9.55 34.19
CA ALA A 107 -16.69 10.76 35.01
C ALA A 107 -17.88 10.92 35.92
N THR A 108 -19.04 10.41 35.51
CA THR A 108 -20.23 10.54 36.33
C THR A 108 -20.16 9.52 37.44
N TYR A 109 -19.58 8.33 37.14
CA TYR A 109 -19.57 7.20 38.10
C TYR A 109 -18.23 6.61 38.46
N GLN A 110 -18.18 6.00 39.63
CA GLN A 110 -17.00 5.33 40.07
C GLN A 110 -17.32 3.86 40.15
N ARG A 111 -16.51 3.05 39.49
CA ARG A 111 -16.89 1.65 39.29
C ARG A 111 -16.09 0.76 40.24
N THR A 112 -16.45 0.83 41.53
CA THR A 112 -15.69 0.12 42.55
C THR A 112 -16.25 -1.28 42.69
N ARG A 113 -17.59 -1.36 42.76
CA ARG A 113 -18.28 -2.64 42.95
C ARG A 113 -17.69 -3.72 42.03
N ALA A 114 -17.42 -3.32 40.79
CA ALA A 114 -16.91 -4.22 39.80
C ALA A 114 -15.44 -4.56 39.96
N LEU A 115 -14.64 -3.58 40.41
CA LEU A 115 -13.17 -3.81 40.50
C LEU A 115 -12.83 -4.87 41.55
N VAL A 116 -13.51 -4.74 42.69
CA VAL A 116 -13.29 -5.57 43.85
C VAL A 116 -13.80 -6.99 43.58
N ARG A 117 -15.05 -7.06 43.09
CA ARG A 117 -15.65 -8.32 42.70
C ARG A 117 -14.76 -9.03 41.65
N THR A 118 -13.98 -8.28 40.89
CA THR A 118 -12.96 -8.86 40.01
C THR A 118 -11.68 -9.21 40.78
N GLY A 119 -11.36 -8.42 41.81
CA GLY A 119 -10.19 -8.75 42.62
C GLY A 119 -9.08 -7.77 42.30
N MET A 120 -9.52 -6.55 41.99
CA MET A 120 -8.67 -5.38 41.68
C MET A 120 -8.84 -4.38 42.83
N ASP A 121 -7.80 -3.64 43.14
CA ASP A 121 -7.95 -2.70 44.23
C ASP A 121 -8.80 -1.47 43.85
N PRO A 122 -9.83 -1.13 44.65
CA PRO A 122 -10.75 0.00 44.34
C PRO A 122 -10.01 1.28 44.08
N ARG A 123 -8.87 1.43 44.70
CA ARG A 123 -8.01 2.56 44.41
C ARG A 123 -7.34 2.54 43.06
N MET A 124 -7.77 1.67 42.16
CA MET A 124 -7.20 1.61 40.81
C MET A 124 -8.09 2.29 39.79
N CYS A 125 -8.86 3.28 40.25
CA CYS A 125 -9.70 4.15 39.42
C CYS A 125 -9.07 4.68 38.15
N SER A 126 -7.90 5.31 38.26
CA SER A 126 -7.18 5.93 37.13
C SER A 126 -6.71 4.99 36.00
N LEU A 127 -7.09 3.72 36.11
CA LEU A 127 -6.67 2.71 35.19
C LEU A 127 -7.92 2.12 34.57
N MET A 128 -9.11 2.50 35.01
CA MET A 128 -10.32 1.94 34.42
C MET A 128 -10.99 2.81 33.31
N GLN A 129 -10.18 3.51 32.53
CA GLN A 129 -10.69 4.30 31.45
C GLN A 129 -11.36 3.51 30.30
N GLY A 130 -12.67 3.54 30.26
CA GLY A 130 -13.36 2.87 29.20
C GLY A 130 -13.83 1.50 29.68
N SER A 131 -13.91 1.28 30.98
CA SER A 131 -14.45 0.03 31.42
C SER A 131 -15.92 -0.15 30.95
N THR A 132 -16.61 0.94 30.60
CA THR A 132 -18.05 0.84 30.27
C THR A 132 -18.24 0.61 28.78
N LEU A 133 -17.12 0.75 28.10
CA LEU A 133 -17.16 0.82 26.66
C LEU A 133 -17.38 -0.55 26.07
N PRO A 134 -18.60 -0.79 25.52
CA PRO A 134 -18.88 -2.12 24.95
C PRO A 134 -17.72 -2.67 24.09
N ARG A 135 -17.45 -3.96 24.23
CA ARG A 135 -16.47 -4.67 23.40
C ARG A 135 -16.67 -4.44 21.90
N ARG A 136 -17.94 -4.28 21.47
CA ARG A 136 -18.25 -3.91 20.10
C ARG A 136 -17.44 -2.69 19.61
N SER A 137 -16.97 -1.85 20.53
CA SER A 137 -16.15 -0.71 20.15
C SER A 137 -15.09 -1.13 19.16
N GLY A 138 -14.70 -0.21 18.31
CA GLY A 138 -13.73 -0.52 17.29
C GLY A 138 -12.31 -0.63 17.75
N ALA A 139 -11.41 -0.74 16.79
CA ALA A 139 -10.02 -0.88 17.08
C ALA A 139 -9.45 0.41 17.72
N ALA A 140 -9.98 1.57 17.33
CA ALA A 140 -9.46 2.87 17.77
C ALA A 140 -10.33 3.24 18.98
N GLY A 141 -11.31 2.34 19.23
CA GLY A 141 -12.11 2.37 20.43
C GLY A 141 -11.43 1.76 21.66
N ALA A 142 -10.59 0.75 21.46
CA ALA A 142 -9.94 0.12 22.56
C ALA A 142 -8.70 0.93 22.91
N ALA A 143 -8.08 1.57 21.94
CA ALA A 143 -6.85 2.39 22.24
C ALA A 143 -7.06 3.44 23.35
N VAL A 144 -8.33 3.75 23.62
CA VAL A 144 -8.67 4.77 24.58
C VAL A 144 -8.68 4.13 25.94
N LYS A 145 -8.78 2.78 25.98
CA LYS A 145 -8.83 2.02 27.25
C LYS A 145 -7.61 2.11 28.19
N GLY A 146 -7.88 2.24 29.50
CA GLY A 146 -6.79 2.23 30.47
C GLY A 146 -6.28 0.81 30.71
N VAL A 147 -5.04 0.71 31.19
CA VAL A 147 -4.36 -0.58 31.45
C VAL A 147 -5.26 -1.46 32.35
N GLY A 148 -5.73 -0.86 33.43
CA GLY A 148 -6.63 -1.48 34.34
C GLY A 148 -7.87 -1.96 33.63
N THR A 149 -8.25 -1.36 32.52
CA THR A 149 -9.53 -1.74 31.91
C THR A 149 -9.40 -3.14 31.34
N MET A 150 -8.22 -3.40 30.78
CA MET A 150 -8.02 -4.59 30.07
C MET A 150 -8.01 -5.75 31.04
N VAL A 151 -7.22 -5.58 32.10
CA VAL A 151 -7.14 -6.54 33.20
C VAL A 151 -8.51 -7.02 33.75
N MET A 152 -9.47 -6.13 33.97
CA MET A 152 -10.74 -6.54 34.50
C MET A 152 -11.45 -7.55 33.59
N GLU A 153 -11.09 -7.49 32.31
CA GLU A 153 -11.69 -8.34 31.26
C GLU A 153 -11.09 -9.74 31.25
N LEU A 154 -9.81 -9.80 30.85
CA LEU A 154 -9.04 -11.01 30.93
C LEU A 154 -9.30 -11.76 32.25
N ILE A 155 -9.14 -11.08 33.39
CA ILE A 155 -9.45 -11.68 34.69
C ILE A 155 -10.85 -12.30 34.75
N ARG A 156 -11.84 -11.74 34.06
CA ARG A 156 -13.16 -12.36 34.15
C ARG A 156 -13.27 -13.47 33.13
N MET A 157 -12.66 -13.21 31.98
CA MET A 157 -12.64 -14.19 30.88
C MET A 157 -11.92 -15.43 31.44
N ILE A 158 -10.70 -15.21 31.98
CA ILE A 158 -9.96 -16.25 32.72
C ILE A 158 -10.69 -16.80 33.95
N LYS A 159 -11.20 -15.94 34.85
CA LYS A 159 -11.82 -16.44 36.09
C LYS A 159 -12.96 -17.44 35.86
N ARG A 160 -13.86 -17.16 34.93
CA ARG A 160 -14.92 -18.13 34.70
C ARG A 160 -14.46 -19.44 34.01
N GLY A 161 -13.55 -19.28 33.02
CA GLY A 161 -12.92 -20.41 32.28
C GLY A 161 -12.07 -21.28 33.20
N ILE A 162 -11.02 -20.70 33.76
CA ILE A 162 -10.18 -21.39 34.73
C ILE A 162 -11.02 -21.77 35.93
N ASN A 163 -12.11 -21.27 36.17
CA ASN A 163 -12.98 -21.78 37.23
C ASN A 163 -13.73 -22.96 36.65
N ARG A 164 -13.55 -22.08 22.16
CA ARG A 164 -12.55 -22.57 21.23
C ARG A 164 -11.70 -21.45 20.64
N ARG A 165 -12.37 -20.64 19.82
CA ARG A 165 -11.77 -19.50 19.14
C ARG A 165 -11.41 -18.42 20.15
N THR A 166 -11.96 -18.55 21.36
CA THR A 166 -11.70 -17.66 22.49
C THR A 166 -10.22 -17.37 22.73
N ARG A 167 -9.34 -18.18 22.18
CA ARG A 167 -7.89 -18.02 22.34
C ARG A 167 -7.24 -16.81 21.63
N ILE A 168 -7.50 -16.65 20.33
CA ILE A 168 -6.98 -15.50 19.57
C ILE A 168 -7.29 -14.18 20.26
N ALA A 169 -8.47 -14.12 20.90
CA ALA A 169 -8.89 -12.98 21.73
C ALA A 169 -7.84 -12.78 22.81
N TYR A 170 -7.68 -13.78 23.68
CA TYR A 170 -6.81 -13.66 24.85
C TYR A 170 -5.44 -13.13 24.48
N GLU A 171 -4.81 -13.70 23.46
CA GLU A 171 -3.45 -13.30 23.06
C GLU A 171 -3.44 -11.86 22.61
N ARG A 172 -4.37 -11.53 21.72
CA ARG A 172 -4.50 -10.16 21.24
C ARG A 172 -4.79 -9.20 22.40
N MET A 173 -5.82 -9.53 23.19
CA MET A 173 -6.19 -8.72 24.33
C MET A 173 -4.95 -8.44 25.11
N CYS A 174 -3.98 -9.35 25.10
CA CYS A 174 -2.72 -9.08 25.82
C CYS A 174 -1.79 -8.21 25.00
N ASN A 175 -1.84 -8.37 23.69
CA ASN A 175 -0.89 -7.68 22.83
C ASN A 175 -1.16 -6.21 22.92
N ILE A 176 -2.45 -5.91 22.91
CA ILE A 176 -3.00 -4.58 23.17
C ILE A 176 -2.54 -4.15 24.54
N LEU A 177 -2.84 -5.01 25.52
CA LEU A 177 -2.43 -4.81 26.88
C LEU A 177 -0.98 -4.40 26.83
N LYS A 178 -0.16 -5.21 26.15
CA LYS A 178 1.30 -4.99 26.21
C LYS A 178 1.66 -3.71 25.52
N GLY A 179 0.84 -3.35 24.53
CA GLY A 179 1.14 -2.18 23.75
C GLY A 179 0.80 -0.91 24.52
N LYS A 180 0.22 -1.10 25.72
CA LYS A 180 -0.04 0.01 26.62
C LYS A 180 1.27 0.36 27.33
N PHE A 181 1.99 -0.67 27.80
CA PHE A 181 3.27 -0.48 28.45
C PHE A 181 4.27 0.13 27.51
N GLN A 182 5.14 0.95 28.08
CA GLN A 182 6.20 1.64 27.36
C GLN A 182 7.57 1.50 28.06
N THR A 183 7.83 0.32 28.63
CA THR A 183 9.14 0.01 29.23
C THR A 183 9.49 -1.46 29.04
N ALA A 184 10.78 -1.74 28.83
CA ALA A 184 11.29 -3.11 28.67
C ALA A 184 10.47 -4.15 29.46
N ALA A 185 10.75 -4.25 30.78
CA ALA A 185 10.20 -5.27 31.67
C ALA A 185 8.67 -5.37 31.55
N GLN A 186 8.05 -4.18 31.65
CA GLN A 186 6.61 -4.06 31.52
C GLN A 186 6.22 -4.88 30.31
N ARG A 187 6.83 -4.51 29.17
CA ARG A 187 6.56 -5.16 27.91
C ARG A 187 6.84 -6.66 28.04
N THR A 188 8.01 -7.03 28.57
CA THR A 188 8.42 -8.43 28.61
C THR A 188 7.51 -9.27 29.52
N MET A 189 7.07 -8.68 30.62
CA MET A 189 6.33 -9.46 31.63
C MET A 189 4.93 -9.87 31.19
N VAL A 190 4.46 -9.16 30.17
CA VAL A 190 3.14 -9.32 29.63
C VAL A 190 3.17 -10.60 28.85
N ASP A 191 4.30 -10.80 28.15
CA ASP A 191 4.56 -12.03 27.39
C ASP A 191 4.59 -13.24 28.32
N GLN A 192 5.34 -13.12 29.42
CA GLN A 192 5.42 -14.19 30.40
C GLN A 192 4.02 -14.60 30.87
N VAL A 193 3.07 -13.68 30.76
CA VAL A 193 1.66 -13.93 31.11
C VAL A 193 0.89 -14.63 29.98
N ARG A 194 1.09 -14.13 28.78
CA ARG A 194 0.46 -14.65 27.58
C ARG A 194 0.93 -16.09 27.21
N GLU A 195 1.84 -16.65 27.99
CA GLU A 195 2.37 -17.97 27.70
C GLU A 195 1.42 -19.13 28.01
N SER A 196 0.57 -18.98 29.04
CA SER A 196 -0.26 -20.08 29.51
C SER A 196 -1.64 -20.21 28.82
N ARG A 197 -1.97 -21.41 28.33
CA ARG A 197 -3.24 -21.65 27.66
C ARG A 197 -4.36 -21.52 28.66
N ASN A 198 -4.17 -22.14 29.82
CA ASN A 198 -5.17 -22.08 30.87
C ASN A 198 -4.55 -21.29 32.02
N PRO A 199 -4.34 -19.98 31.84
CA PRO A 199 -3.62 -19.16 32.84
C PRO A 199 -4.40 -19.06 34.15
N GLY A 200 -3.91 -19.68 35.21
CA GLY A 200 -4.69 -19.68 36.45
C GLY A 200 -4.24 -18.54 37.33
N ASN A 201 -4.53 -18.64 38.63
CA ASN A 201 -4.05 -17.69 39.63
C ASN A 201 -2.61 -17.22 39.46
N ALA A 202 -1.79 -18.04 38.80
CA ALA A 202 -0.42 -17.66 38.41
C ALA A 202 -0.44 -16.31 37.70
N GLU A 203 -1.29 -16.25 36.68
CA GLU A 203 -1.49 -15.05 35.86
C GLU A 203 -2.36 -14.07 36.68
N PHE A 204 -3.56 -14.55 37.08
CA PHE A 204 -4.52 -13.79 37.91
C PHE A 204 -3.77 -12.87 38.89
N GLU A 205 -2.88 -13.44 39.68
CA GLU A 205 -2.05 -12.65 40.55
C GLU A 205 -1.00 -11.76 39.80
N ASP A 206 -0.43 -12.23 38.69
CA ASP A 206 0.65 -11.41 38.09
C ASP A 206 0.22 -10.11 37.37
N LEU A 207 -0.92 -10.15 36.68
CA LEU A 207 -1.37 -9.02 35.87
C LEU A 207 -1.78 -7.91 36.83
N ILE A 208 -2.42 -8.32 37.92
CA ILE A 208 -2.82 -7.42 38.99
C ILE A 208 -1.61 -6.61 39.41
N PHE A 209 -0.47 -7.29 39.50
CA PHE A 209 0.83 -6.64 39.77
C PHE A 209 1.12 -5.50 38.73
N LEU A 210 1.21 -5.92 37.48
CA LEU A 210 1.41 -5.08 36.30
C LEU A 210 0.35 -3.95 36.31
N ALA A 211 -0.88 -4.27 36.74
CA ALA A 211 -1.91 -3.23 36.90
C ALA A 211 -1.38 -2.08 37.82
N ARG A 212 -0.83 -2.52 38.96
CA ARG A 212 -0.27 -1.60 39.89
C ARG A 212 1.01 -0.95 39.39
N SER A 213 1.72 -1.59 38.48
CA SER A 213 2.97 -1.00 37.99
C SER A 213 2.68 0.27 37.18
N ALA A 214 1.49 0.32 36.60
CA ALA A 214 1.07 1.37 35.68
C ALA A 214 0.69 2.63 36.42
N LEU A 215 0.46 2.45 37.73
CA LEU A 215 0.17 3.50 38.69
C LEU A 215 1.39 4.33 38.86
N ILE A 216 2.53 3.79 38.45
CA ILE A 216 3.76 4.49 38.63
C ILE A 216 4.44 4.67 37.27
N LEU A 217 4.52 3.57 36.51
CA LEU A 217 5.09 3.57 35.15
C LEU A 217 3.87 3.39 34.27
N ARG A 218 3.28 4.51 33.91
CA ARG A 218 1.98 4.49 33.26
C ARG A 218 2.24 3.95 31.87
N GLY A 219 1.16 3.63 31.15
CA GLY A 219 1.23 3.29 29.74
C GLY A 219 0.72 4.34 28.79
N SER A 220 0.67 3.98 27.52
CA SER A 220 0.14 4.84 26.50
C SER A 220 -1.35 4.57 26.36
N VAL A 221 -2.16 5.54 26.75
CA VAL A 221 -3.59 5.48 26.50
C VAL A 221 -4.06 6.77 25.86
N ALA A 222 -4.51 6.64 24.63
CA ALA A 222 -5.18 7.70 23.89
C ALA A 222 -6.45 8.25 24.57
N HIS A 223 -6.62 9.58 24.45
CA HIS A 223 -7.82 10.29 24.91
C HIS A 223 -8.48 10.94 23.70
N LYS A 224 -9.79 10.76 23.57
CA LYS A 224 -10.58 11.26 22.43
C LYS A 224 -11.66 12.24 22.91
N SER A 225 -11.62 13.48 22.41
CA SER A 225 -12.60 14.49 22.78
C SER A 225 -13.90 14.25 22.03
N CYS A 226 -14.81 13.53 22.62
CA CYS A 226 -16.03 13.19 21.86
C CYS A 226 -17.21 13.92 22.37
N LEU A 227 -17.75 14.89 21.60
CA LEU A 227 -18.85 15.75 22.07
C LEU A 227 -20.18 15.10 21.78
N PRO A 228 -21.28 15.50 22.47
CA PRO A 228 -22.65 14.98 22.31
C PRO A 228 -23.14 15.19 20.91
N ALA A 229 -24.06 14.35 20.46
CA ALA A 229 -24.59 14.46 19.10
C ALA A 229 -25.10 15.89 18.76
N CYS A 230 -25.69 16.54 19.76
CA CYS A 230 -26.32 17.79 19.51
C CYS A 230 -25.28 18.83 19.06
N VAL A 231 -24.10 18.71 19.63
CA VAL A 231 -23.08 19.68 19.38
C VAL A 231 -22.68 19.58 17.93
N TYR A 232 -22.40 18.39 17.43
CA TYR A 232 -22.14 18.15 16.02
C TYR A 232 -23.35 18.46 15.15
N GLY A 233 -24.54 17.98 15.51
CA GLY A 233 -25.78 18.38 14.76
C GLY A 233 -25.91 19.89 14.59
N SER A 234 -25.77 20.59 15.68
CA SER A 234 -25.91 22.02 15.62
C SER A 234 -24.86 22.66 14.69
N ALA A 235 -23.63 22.18 14.77
CA ALA A 235 -22.51 22.64 13.99
C ALA A 235 -22.72 22.39 12.51
N VAL A 236 -23.21 21.21 12.18
CA VAL A 236 -23.46 20.83 10.79
C VAL A 236 -24.52 21.75 10.22
N ALA A 237 -25.54 22.00 11.03
CA ALA A 237 -26.67 22.84 10.67
C ALA A 237 -26.26 24.28 10.48
N SER A 238 -25.24 24.71 11.20
CA SER A 238 -24.68 26.05 11.10
C SER A 238 -23.76 26.20 9.92
N GLY A 239 -23.75 25.23 9.04
CA GLY A 239 -22.94 25.41 7.91
C GLY A 239 -21.64 24.66 7.97
N TYR A 240 -21.07 24.37 9.16
CA TYR A 240 -19.75 23.73 9.19
C TYR A 240 -19.77 22.48 8.47
N ASP A 241 -18.87 22.39 7.49
CA ASP A 241 -18.81 21.23 6.61
C ASP A 241 -17.49 20.52 6.84
N PHE A 242 -17.40 19.76 7.94
CA PHE A 242 -16.15 19.24 8.47
C PHE A 242 -15.33 18.40 7.54
N GLU A 243 -15.93 17.43 6.87
CA GLU A 243 -15.16 16.70 5.82
C GLU A 243 -14.35 17.60 4.88
N ARG A 244 -14.78 18.81 4.63
CA ARG A 244 -14.06 19.72 3.77
C ARG A 244 -13.11 20.55 4.57
N GLU A 245 -13.53 21.02 5.73
CA GLU A 245 -12.69 21.89 6.58
C GLU A 245 -11.87 21.10 7.59
N GLY A 246 -12.02 19.79 7.66
CA GLY A 246 -11.18 19.05 8.55
C GLY A 246 -11.62 19.18 10.02
N TYR A 247 -11.39 18.11 10.76
CA TYR A 247 -11.72 18.07 12.17
C TYR A 247 -10.79 17.08 12.93
N SER A 248 -10.57 17.28 14.25
CA SER A 248 -9.78 16.32 15.07
C SER A 248 -10.50 15.99 16.34
N LEU A 249 -10.03 14.94 17.01
CA LEU A 249 -10.53 14.57 18.34
C LEU A 249 -9.40 14.76 19.38
N VAL A 250 -8.21 15.16 18.94
CA VAL A 250 -7.10 15.33 19.89
C VAL A 250 -6.38 16.66 19.59
N GLY A 251 -7.00 17.47 18.73
CA GLY A 251 -6.43 18.79 18.46
C GLY A 251 -7.18 19.93 19.06
N ILE A 252 -7.13 21.07 18.37
CA ILE A 252 -7.85 22.27 18.81
C ILE A 252 -9.31 22.26 18.33
N ASP A 253 -9.63 21.36 17.41
CA ASP A 253 -10.94 21.36 16.76
C ASP A 253 -12.03 21.23 17.83
N PRO A 254 -11.91 20.20 18.67
CA PRO A 254 -12.99 19.95 19.61
C PRO A 254 -13.12 21.11 20.57
N PHE A 255 -12.05 21.58 21.16
CA PHE A 255 -12.23 22.74 22.03
C PHE A 255 -12.89 23.90 21.29
N ARG A 256 -12.43 24.22 20.08
CA ARG A 256 -12.98 25.37 19.37
C ARG A 256 -14.49 25.22 19.14
N LEU A 257 -14.89 24.03 18.73
CA LEU A 257 -16.28 23.75 18.54
C LEU A 257 -17.03 24.04 19.83
N LEU A 258 -16.55 23.54 20.96
CA LEU A 258 -17.22 23.76 22.25
C LEU A 258 -17.13 25.23 22.68
N GLN A 259 -16.45 26.08 21.94
CA GLN A 259 -16.33 27.48 22.36
C GLN A 259 -17.56 28.25 21.92
N ASN A 260 -18.41 27.60 21.12
CA ASN A 260 -19.61 28.24 20.58
C ASN A 260 -20.89 27.42 20.74
N SER A 261 -20.76 26.30 21.43
CA SER A 261 -21.85 25.38 21.55
C SER A 261 -22.88 25.96 22.50
N GLN A 262 -24.15 25.73 22.22
CA GLN A 262 -25.21 26.26 23.07
C GLN A 262 -25.91 25.04 23.64
N VAL A 263 -25.27 24.32 24.55
CA VAL A 263 -25.89 23.14 25.05
C VAL A 263 -26.62 23.38 26.35
N TYR A 264 -27.87 22.93 26.40
CA TYR A 264 -28.65 23.01 27.63
C TYR A 264 -28.83 21.68 28.32
N SER A 265 -29.04 21.75 29.63
CA SER A 265 -29.22 20.53 30.41
C SER A 265 -30.28 20.57 31.49
N LEU A 266 -31.00 19.48 31.68
CA LEU A 266 -31.98 19.40 32.79
C LEU A 266 -31.22 19.34 34.07
N ILE A 267 -31.76 20.04 35.05
CA ILE A 267 -31.08 20.21 36.33
C ILE A 267 -32.05 20.11 37.50
N ARG A 268 -31.80 19.15 38.37
CA ARG A 268 -32.61 18.96 39.57
C ARG A 268 -32.62 20.16 40.53
N PRO A 269 -33.71 20.36 41.32
CA PRO A 269 -33.99 21.54 42.17
C PRO A 269 -32.83 22.00 43.06
N ASN A 270 -32.21 21.06 43.75
CA ASN A 270 -31.08 21.46 44.58
C ASN A 270 -29.68 21.42 43.98
N GLU A 271 -29.56 21.15 42.68
CA GLU A 271 -28.23 20.93 42.08
C GLU A 271 -27.60 22.24 41.66
N ASN A 272 -26.28 22.24 41.55
CA ASN A 272 -25.55 23.43 41.24
C ASN A 272 -25.22 23.43 39.79
N PRO A 273 -25.73 24.42 39.03
CA PRO A 273 -25.45 24.52 37.59
C PRO A 273 -23.94 24.45 37.25
N ALA A 274 -23.18 25.24 37.98
CA ALA A 274 -21.77 25.40 37.69
C ALA A 274 -21.10 24.05 37.80
N HIS A 275 -21.69 23.25 38.70
CA HIS A 275 -21.17 21.94 39.04
C HIS A 275 -21.56 21.00 37.91
N LYS A 276 -22.75 21.23 37.37
CA LYS A 276 -23.25 20.38 36.27
C LYS A 276 -22.37 20.53 35.03
N SER A 277 -22.15 21.78 34.62
CA SER A 277 -21.30 22.08 33.49
C SER A 277 -19.93 21.40 33.64
N GLN A 278 -19.38 21.47 34.86
CA GLN A 278 -18.08 20.90 35.08
C GLN A 278 -18.07 19.47 34.58
N LEU A 279 -19.02 18.69 35.11
CA LEU A 279 -19.16 17.25 34.76
C LEU A 279 -19.08 17.02 33.26
N VAL A 280 -20.12 17.43 32.54
CA VAL A 280 -20.08 17.40 31.05
C VAL A 280 -18.76 17.81 30.40
N TRP A 281 -18.18 18.91 30.88
CA TRP A 281 -16.90 19.35 30.36
C TRP A 281 -15.84 18.28 30.50
N MET A 282 -15.89 17.51 31.59
CA MET A 282 -14.82 16.54 31.83
C MET A 282 -15.05 15.32 30.99
N ALA A 283 -16.33 15.05 30.66
CA ALA A 283 -16.66 13.99 29.73
C ALA A 283 -16.34 14.38 28.30
N CYS A 284 -16.34 15.67 28.00
CA CYS A 284 -15.97 16.02 26.64
C CYS A 284 -14.49 15.82 26.29
N HIS A 285 -13.66 15.69 27.30
CA HIS A 285 -12.28 15.39 27.01
C HIS A 285 -11.63 14.16 27.72
N SER A 286 -12.41 13.33 28.42
CA SER A 286 -11.80 12.16 29.06
C SER A 286 -10.81 12.70 30.13
N ALA A 287 -11.32 13.65 30.95
CA ALA A 287 -10.50 14.28 31.97
C ALA A 287 -11.05 13.82 33.29
N ALA A 288 -11.52 12.56 33.36
CA ALA A 288 -12.11 12.10 34.64
C ALA A 288 -11.05 11.56 35.52
N PHE A 289 -9.82 11.43 35.03
CA PHE A 289 -8.78 10.86 35.86
C PHE A 289 -7.60 11.74 35.66
N GLU A 290 -7.84 12.98 35.24
CA GLU A 290 -6.73 13.87 35.01
C GLU A 290 -6.40 14.56 36.34
N ASP A 291 -5.23 15.20 36.43
CA ASP A 291 -4.87 15.90 37.65
C ASP A 291 -5.74 17.16 37.77
N LEU A 292 -6.59 17.25 38.80
CA LEU A 292 -7.55 18.34 38.92
C LEU A 292 -6.86 19.66 38.69
N ARG A 293 -5.60 19.75 39.15
CA ARG A 293 -4.81 20.99 39.02
C ARG A 293 -4.77 21.46 37.60
N VAL A 294 -4.37 20.55 36.71
CA VAL A 294 -4.24 20.86 35.30
C VAL A 294 -5.61 21.08 34.64
N SER A 295 -6.58 20.19 34.92
CA SER A 295 -7.94 20.36 34.44
C SER A 295 -8.44 21.76 34.74
N SER A 296 -8.25 22.26 35.96
CA SER A 296 -8.72 23.60 36.30
C SER A 296 -7.91 24.65 35.59
N PHE A 297 -6.67 24.30 35.28
CA PHE A 297 -5.76 25.29 34.74
C PHE A 297 -6.26 25.58 33.36
N ILE A 298 -6.46 24.53 32.58
CA ILE A 298 -6.90 24.62 31.21
C ILE A 298 -8.38 25.08 31.13
N ARG A 299 -9.17 24.54 32.05
CA ARG A 299 -10.58 24.85 32.14
C ARG A 299 -10.80 26.33 32.27
N GLY A 300 -10.04 26.98 33.14
CA GLY A 300 -10.22 28.39 33.27
C GLY A 300 -10.82 28.73 34.61
N THR A 301 -11.43 27.72 35.24
CA THR A 301 -12.13 27.84 36.53
C THR A 301 -11.97 26.61 37.40
N LYS A 302 -12.29 26.74 38.67
CA LYS A 302 -12.19 25.56 39.54
C LYS A 302 -12.81 24.26 38.98
N VAL A 303 -12.05 23.18 39.09
CA VAL A 303 -12.52 21.89 38.70
C VAL A 303 -12.64 21.10 39.99
N VAL A 304 -13.82 21.19 40.56
CA VAL A 304 -14.02 20.60 41.87
C VAL A 304 -14.09 19.07 41.82
N PRO A 305 -13.56 18.38 42.85
CA PRO A 305 -13.57 16.93 43.02
C PRO A 305 -14.94 16.34 43.03
N ARG A 306 -15.01 15.03 42.78
CA ARG A 306 -16.28 14.34 42.59
C ARG A 306 -17.10 14.46 43.84
N GLY A 307 -16.52 14.15 44.99
CA GLY A 307 -17.30 14.23 46.23
C GLY A 307 -18.02 15.57 46.45
N LYS A 308 -17.29 16.66 46.24
CA LYS A 308 -17.82 17.98 46.45
C LYS A 308 -18.68 18.41 45.31
N LEU A 309 -18.86 17.55 44.32
CA LEU A 309 -19.69 17.87 43.20
C LEU A 309 -21.14 17.66 43.46
N SER A 310 -21.92 18.70 43.20
CA SER A 310 -23.36 18.64 43.38
C SER A 310 -24.17 18.13 42.19
N THR A 311 -24.23 16.81 42.02
CA THR A 311 -25.03 16.24 40.96
C THR A 311 -24.90 14.71 41.01
N ARG A 312 -25.96 14.06 40.50
CA ARG A 312 -26.10 12.62 40.66
C ARG A 312 -25.96 11.99 39.27
N GLY A 313 -26.15 12.79 38.24
CA GLY A 313 -26.09 12.21 36.93
C GLY A 313 -26.88 13.04 36.00
N VAL A 314 -26.46 13.02 34.74
CA VAL A 314 -27.02 13.91 33.77
C VAL A 314 -28.36 13.43 33.25
N GLN A 315 -28.52 12.09 33.17
CA GLN A 315 -29.77 11.49 32.70
C GLN A 315 -30.77 11.53 33.81
N ILE A 316 -32.01 11.68 33.42
CA ILE A 316 -33.07 11.78 34.38
C ILE A 316 -33.76 10.42 34.50
N ALA A 317 -33.87 9.94 35.73
CA ALA A 317 -34.49 8.65 35.99
C ALA A 317 -36.00 8.75 35.98
N SER A 318 -36.66 7.64 35.63
CA SER A 318 -38.16 7.51 35.60
C SER A 318 -38.83 7.81 36.95
N ASN A 319 -38.01 7.76 37.99
CA ASN A 319 -38.45 7.94 39.33
C ASN A 319 -38.85 9.37 39.55
N GLU A 320 -38.07 10.30 39.01
CA GLU A 320 -38.18 11.70 39.37
C GLU A 320 -39.39 12.31 38.78
N ASN A 321 -39.71 13.53 39.14
CA ASN A 321 -40.89 14.12 38.57
C ASN A 321 -40.48 15.35 37.86
N MET A 322 -41.31 15.82 36.95
CA MET A 322 -41.00 17.01 36.20
C MET A 322 -41.42 18.32 36.86
N GLU A 323 -42.31 18.24 37.85
CA GLU A 323 -42.89 19.44 38.40
C GLU A 323 -41.72 20.23 38.93
N THR A 324 -40.87 19.57 39.71
CA THR A 324 -39.77 20.23 40.36
C THR A 324 -38.51 20.09 39.54
N MET A 325 -38.60 20.43 38.27
CA MET A 325 -37.45 20.24 37.38
C MET A 325 -37.28 21.48 36.51
N GLU A 326 -36.04 21.90 36.32
CA GLU A 326 -35.76 23.06 35.48
C GLU A 326 -34.45 22.79 34.74
N SER A 327 -34.00 23.75 33.93
CA SER A 327 -32.88 23.47 33.03
C SER A 327 -31.91 24.65 32.95
N SER A 328 -30.60 24.39 32.90
CA SER A 328 -29.63 25.44 32.78
C SER A 328 -28.75 25.33 31.54
N THR A 329 -28.01 26.38 31.24
CA THR A 329 -27.16 26.43 30.08
C THR A 329 -25.75 26.04 30.55
N LEU A 330 -25.22 25.00 29.90
CA LEU A 330 -24.00 24.35 30.30
C LEU A 330 -22.82 25.20 29.89
N GLU A 331 -21.91 25.45 30.82
CA GLU A 331 -20.68 26.19 30.54
C GLU A 331 -19.60 25.22 30.07
N LEU A 332 -19.38 25.17 28.75
CA LEU A 332 -18.38 24.23 28.17
C LEU A 332 -17.12 24.84 27.61
N ARG A 333 -17.09 26.18 27.58
CA ARG A 333 -15.93 26.92 27.14
C ARG A 333 -14.73 26.60 28.05
N SER A 334 -13.50 26.69 27.52
CA SER A 334 -12.31 26.48 28.31
C SER A 334 -11.34 27.64 28.10
N ARG A 335 -10.35 27.75 28.98
CA ARG A 335 -9.41 28.85 28.91
C ARG A 335 -8.42 28.58 27.79
N TYR A 336 -7.63 27.53 27.95
CA TYR A 336 -6.70 27.13 26.92
C TYR A 336 -7.11 25.76 26.41
N TRP A 337 -6.24 25.16 25.60
CA TRP A 337 -6.39 23.80 25.11
C TRP A 337 -5.06 23.11 25.12
N ALA A 338 -5.11 21.78 25.04
CA ALA A 338 -3.92 20.98 25.08
C ALA A 338 -3.97 19.71 24.24
N ILE A 339 -2.83 19.32 23.66
CA ILE A 339 -2.90 18.17 22.77
C ILE A 339 -3.32 16.93 23.58
N ARG A 340 -4.57 16.46 23.50
CA ARG A 340 -4.91 15.26 24.29
C ARG A 340 -3.87 14.20 23.92
N THR A 341 -3.03 13.75 24.89
CA THR A 341 -1.97 12.75 24.60
C THR A 341 -2.38 11.30 24.78
N ARG A 342 -1.41 10.42 24.54
CA ARG A 342 -1.58 8.97 24.70
C ARG A 342 -0.56 8.42 25.69
N SER A 343 0.64 8.96 25.60
CA SER A 343 1.76 8.68 26.52
C SER A 343 1.47 8.77 28.02
N GLY A 344 1.96 7.81 28.80
CA GLY A 344 1.92 7.91 30.25
C GLY A 344 3.11 8.61 30.92
N GLY A 345 4.04 9.24 30.16
CA GLY A 345 5.33 9.76 30.73
C GLY A 345 6.35 8.71 31.22
N ASN A 346 7.63 9.04 31.18
CA ASN A 346 8.66 8.17 31.83
C ASN A 346 9.99 8.91 32.19
N THR A 347 10.69 8.42 33.21
CA THR A 347 12.03 8.96 33.56
C THR A 347 13.14 7.90 33.44
N ASP A 348 8.26 13.67 39.75
CA ASP A 348 8.93 13.45 38.45
C ASP A 348 8.19 14.06 37.29
N VAL A 349 8.80 15.09 36.69
CA VAL A 349 8.19 15.87 35.63
C VAL A 349 7.99 15.02 34.39
N SER A 350 6.77 15.01 33.81
CA SER A 350 6.50 14.38 32.47
C SER A 350 6.17 15.39 31.34
N PHE A 351 6.17 14.90 30.09
CA PHE A 351 5.87 15.76 28.94
C PHE A 351 6.73 17.02 28.99
N GLN A 352 8.02 16.81 29.25
CA GLN A 352 8.98 17.91 29.38
C GLN A 352 8.88 18.84 28.15
N GLY A 353 8.79 20.15 28.37
CA GLY A 353 8.64 21.06 27.23
C GLY A 353 7.23 21.25 26.62
N ARG A 354 6.37 20.20 26.69
CA ARG A 354 4.97 20.27 26.24
C ARG A 354 4.22 21.28 27.08
N GLY A 355 3.33 22.05 26.45
CA GLY A 355 2.56 23.07 27.17
C GLY A 355 1.11 23.17 26.74
N VAL A 356 0.53 24.34 26.99
CA VAL A 356 -0.91 24.52 26.72
C VAL A 356 -0.99 25.56 25.65
N PHE A 357 -2.07 25.53 24.87
CA PHE A 357 -2.15 26.51 23.81
C PHE A 357 -3.33 27.41 24.00
N GLU A 358 -3.15 28.67 23.63
CA GLU A 358 -4.25 29.62 23.59
C GLU A 358 -5.25 29.13 22.54
N LEU A 359 -6.49 29.62 22.66
CA LEU A 359 -7.53 29.21 21.75
C LEU A 359 -7.40 29.95 20.43
N SER A 360 -6.57 31.01 20.36
CA SER A 360 -6.26 31.67 19.11
C SER A 360 -5.19 30.86 18.34
N ASP A 361 -4.32 30.17 19.06
CA ASP A 361 -3.18 29.49 18.47
C ASP A 361 -3.61 28.24 17.76
N GLU A 362 -4.07 28.45 16.55
CA GLU A 362 -4.70 27.37 15.78
C GLU A 362 -3.73 26.27 15.48
N LYS A 363 -2.60 26.71 14.96
CA LYS A 363 -1.43 25.90 14.71
C LYS A 363 -0.84 25.54 16.08
N ALA A 364 0.00 24.53 16.14
CA ALA A 364 0.60 24.25 17.45
C ALA A 364 1.83 25.12 17.76
N THR A 365 1.87 26.29 17.14
CA THR A 365 3.00 27.18 17.19
C THR A 365 3.59 27.42 18.55
N SER A 366 3.01 28.34 19.31
CA SER A 366 3.59 28.70 20.62
C SER A 366 2.95 28.06 21.85
N PRO A 367 3.73 27.26 22.58
CA PRO A 367 3.30 26.49 23.78
C PRO A 367 3.41 27.31 25.04
N ILE A 368 2.68 26.96 26.10
CA ILE A 368 2.70 27.72 27.33
C ILE A 368 2.88 26.76 28.44
N VAL A 369 3.87 27.04 29.29
CA VAL A 369 4.16 26.14 30.40
C VAL A 369 3.51 26.62 31.69
N PRO A 370 2.71 25.76 32.31
CA PRO A 370 2.03 26.08 33.56
C PRO A 370 2.89 25.86 34.76
N SER A 371 2.75 26.78 35.71
CA SER A 371 3.50 26.72 36.94
C SER A 371 2.44 26.52 38.01
N PHE A 372 2.48 25.38 38.69
CA PHE A 372 1.46 25.07 39.72
C PHE A 372 1.68 25.60 41.16
N ASP A 373 2.72 26.41 41.36
CA ASP A 373 2.93 27.03 42.66
C ASP A 373 1.63 27.82 42.83
N MET A 374 0.75 27.36 43.71
CA MET A 374 -0.61 27.93 43.77
C MET A 374 -1.50 27.30 44.81
N SER A 375 -2.56 27.98 45.23
CA SER A 375 -3.45 27.37 46.22
C SER A 375 -4.39 26.56 45.42
N ASN A 376 -4.06 25.29 45.23
CA ASN A 376 -4.83 24.38 44.39
C ASN A 376 -5.98 23.79 45.19
N GLU A 377 -6.60 22.74 44.67
CA GLU A 377 -7.73 22.11 45.35
C GLU A 377 -7.70 20.57 45.20
N GLY A 378 -6.51 19.97 45.30
CA GLY A 378 -6.44 18.53 45.06
C GLY A 378 -5.91 18.12 43.68
N SER A 379 -5.78 16.82 43.49
CA SER A 379 -5.35 16.29 42.22
C SER A 379 -6.20 15.08 41.81
N TYR A 380 -6.88 14.44 42.72
CA TYR A 380 -7.63 13.25 42.44
C TYR A 380 -9.14 13.48 42.35
N PHE A 381 -9.68 13.67 41.15
CA PHE A 381 -11.12 13.78 41.00
C PHE A 381 -11.89 12.79 41.87
N PHE A 382 -11.32 11.61 42.14
CA PHE A 382 -12.00 10.62 42.95
C PHE A 382 -11.35 10.34 44.32
N SER B 1 -9.84 4.15 52.68
CA SER B 1 -9.44 4.86 51.43
C SER B 1 -10.59 4.94 50.42
N SER B 2 -10.67 3.91 49.55
CA SER B 2 -11.61 3.85 48.43
C SER B 2 -11.47 5.01 47.40
N GLY B 3 -10.30 5.64 47.30
CA GLY B 3 -10.23 6.81 46.44
C GLY B 3 -9.22 6.61 45.36
N GLN B 4 -8.90 7.64 44.59
CA GLN B 4 -7.80 7.52 43.64
C GLN B 4 -6.41 7.43 44.32
N ILE B 5 -5.35 7.13 43.56
CA ILE B 5 -3.98 6.96 44.07
C ILE B 5 -2.94 7.44 43.04
N SER B 6 -3.37 7.53 41.80
CA SER B 6 -2.55 8.02 40.72
C SER B 6 -3.42 8.84 39.79
N ILE B 7 -2.79 9.68 38.99
CA ILE B 7 -3.48 10.47 37.99
C ILE B 7 -3.19 9.98 36.58
N GLN B 8 -4.27 9.69 35.82
CA GLN B 8 -4.15 9.32 34.38
C GLN B 8 -4.01 10.58 33.54
N PRO B 9 -2.94 10.72 32.78
CA PRO B 9 -2.77 12.02 32.11
C PRO B 9 -3.61 12.16 30.82
N THR B 10 -4.29 13.30 30.66
CA THR B 10 -5.15 13.47 29.50
C THR B 10 -4.54 14.47 28.58
N PHE B 11 -3.62 15.29 29.03
CA PHE B 11 -3.05 16.26 28.10
C PHE B 11 -1.53 16.28 28.08
N SER B 12 -0.99 16.94 27.07
CA SER B 12 0.44 16.96 26.91
C SER B 12 0.95 18.27 27.52
N VAL B 13 1.34 18.24 28.78
CA VAL B 13 1.93 19.42 29.41
C VAL B 13 3.00 19.06 30.44
N GLN B 14 3.85 20.03 30.78
CA GLN B 14 4.82 19.84 31.84
C GLN B 14 4.16 19.71 33.22
N ARG B 15 4.00 18.45 33.63
CA ARG B 15 3.29 18.14 34.85
C ARG B 15 3.84 16.96 35.63
N ASN B 16 4.22 17.26 36.88
CA ASN B 16 4.59 16.20 37.81
C ASN B 16 3.43 15.23 37.92
N LEU B 17 3.62 13.97 37.57
CA LEU B 17 2.47 13.12 37.64
C LEU B 17 2.25 12.48 39.01
N PRO B 18 1.18 12.86 39.73
CA PRO B 18 0.88 12.32 41.09
C PRO B 18 0.51 10.86 41.24
N PHE B 19 1.15 10.25 42.24
CA PHE B 19 0.86 8.89 42.71
C PHE B 19 1.23 8.84 44.17
N ASN C 1 14.20 -6.86 -1.77
CA ASN C 1 12.99 -7.76 -1.66
C ASN C 1 12.93 -8.82 -2.78
N ALA C 2 13.54 -9.95 -2.42
CA ALA C 2 13.65 -11.13 -3.25
C ALA C 2 12.42 -12.05 -3.12
N THR C 3 11.31 -11.54 -2.62
CA THR C 3 10.16 -12.40 -2.44
C THR C 3 9.24 -12.33 -3.64
N GLU C 4 8.61 -11.19 -3.84
CA GLU C 4 7.68 -11.03 -4.95
C GLU C 4 8.46 -11.12 -6.25
N ILE C 5 9.27 -10.08 -6.49
CA ILE C 5 10.03 -9.94 -7.74
C ILE C 5 10.73 -11.24 -8.17
N ARG C 6 11.43 -11.92 -7.27
CA ARG C 6 12.17 -13.11 -7.70
C ARG C 6 11.30 -14.36 -7.85
N ALA C 7 10.23 -14.40 -7.09
CA ALA C 7 9.44 -15.62 -7.05
C ALA C 7 8.17 -15.49 -7.90
N SER C 8 7.68 -14.27 -8.04
CA SER C 8 6.51 -14.04 -8.86
C SER C 8 6.85 -14.19 -10.35
N VAL C 9 8.13 -13.99 -10.65
CA VAL C 9 8.50 -14.03 -12.04
C VAL C 9 8.89 -15.47 -12.34
N GLY C 10 9.23 -16.16 -11.25
CA GLY C 10 9.43 -17.59 -11.32
C GLY C 10 8.14 -18.31 -11.65
N LYS C 11 7.06 -17.76 -11.14
CA LYS C 11 5.79 -18.37 -11.33
C LYS C 11 5.36 -18.13 -12.75
N MET C 12 5.83 -17.05 -13.33
CA MET C 12 5.44 -16.82 -14.71
C MET C 12 6.28 -17.69 -15.62
N ILE C 13 7.48 -18.07 -15.15
CA ILE C 13 8.35 -18.89 -15.93
C ILE C 13 7.85 -20.34 -15.89
N ASP C 14 7.39 -20.79 -14.71
CA ASP C 14 6.78 -22.11 -14.51
C ASP C 14 5.64 -22.28 -15.50
N GLY C 15 4.88 -21.22 -15.72
CA GLY C 15 3.72 -21.39 -16.56
C GLY C 15 4.18 -21.76 -17.97
N ILE C 16 5.16 -21.04 -18.47
CA ILE C 16 5.58 -21.20 -19.83
C ILE C 16 6.10 -22.63 -19.94
N GLY C 17 6.88 -23.05 -18.95
CA GLY C 17 7.45 -24.39 -18.90
C GLY C 17 6.34 -25.43 -19.01
N ARG C 18 5.62 -25.61 -17.91
CA ARG C 18 4.43 -26.45 -17.85
C ARG C 18 3.65 -26.44 -19.16
N PHE C 19 3.27 -25.26 -19.65
CA PHE C 19 2.53 -25.21 -20.89
C PHE C 19 3.30 -25.94 -22.07
N TYR C 20 4.52 -25.50 -22.33
CA TYR C 20 5.33 -26.12 -23.34
C TYR C 20 5.36 -27.62 -23.22
N ILE C 21 5.45 -28.14 -22.00
CA ILE C 21 5.45 -29.56 -21.79
C ILE C 21 4.09 -30.16 -22.23
N GLN C 22 3.00 -29.55 -21.80
CA GLN C 22 1.64 -30.01 -22.16
C GLN C 22 1.47 -30.04 -23.64
N MET C 23 1.79 -28.92 -24.23
CA MET C 23 1.70 -28.78 -25.64
C MET C 23 2.61 -29.74 -26.38
N CYS C 24 3.78 -30.04 -25.85
CA CYS C 24 4.55 -31.08 -26.50
C CYS C 24 3.85 -32.41 -26.37
N THR C 25 3.27 -32.66 -25.21
CA THR C 25 2.59 -33.94 -25.01
C THR C 25 1.40 -34.14 -25.99
N GLU C 26 0.81 -33.04 -26.49
CA GLU C 26 -0.28 -33.14 -27.43
C GLU C 26 0.29 -33.53 -28.78
N LEU C 27 1.24 -32.74 -29.25
CA LEU C 27 1.82 -33.02 -30.54
C LEU C 27 2.52 -34.37 -30.55
N LYS C 28 2.60 -35.01 -29.40
CA LYS C 28 3.24 -36.30 -29.30
C LYS C 28 4.65 -36.22 -29.85
N LEU C 29 5.33 -35.07 -29.71
CA LEU C 29 6.78 -34.97 -30.02
C LEU C 29 7.72 -35.74 -29.09
N SER C 30 8.94 -35.97 -29.57
CA SER C 30 9.98 -36.66 -28.80
C SER C 30 10.78 -35.66 -27.99
N ASP C 31 11.75 -36.18 -27.21
CA ASP C 31 12.63 -35.30 -26.47
C ASP C 31 13.48 -34.49 -27.41
N TYR C 32 14.11 -35.13 -28.37
CA TYR C 32 14.90 -34.38 -29.30
C TYR C 32 14.04 -33.42 -30.08
N GLU C 33 12.81 -33.82 -30.29
CA GLU C 33 11.92 -33.00 -31.12
C GLU C 33 11.23 -31.91 -30.31
N GLY C 34 11.43 -31.89 -29.00
CA GLY C 34 10.84 -30.84 -28.19
C GLY C 34 11.91 -29.83 -27.90
N ARG C 35 13.16 -30.20 -28.22
CA ARG C 35 14.27 -29.30 -27.98
C ARG C 35 14.67 -28.51 -29.22
N LEU C 36 13.84 -28.67 -30.25
CA LEU C 36 14.10 -28.07 -31.53
C LEU C 36 13.58 -26.64 -31.54
N ILE C 37 14.46 -25.70 -31.33
CA ILE C 37 14.04 -24.33 -31.29
C ILE C 37 13.01 -23.99 -32.31
N GLN C 38 13.06 -24.67 -33.45
CA GLN C 38 12.08 -24.50 -34.53
C GLN C 38 10.67 -24.79 -33.98
N ASN C 39 10.42 -26.04 -33.63
CA ASN C 39 9.13 -26.38 -33.08
C ASN C 39 8.79 -25.48 -31.92
N SER C 40 9.72 -25.17 -31.04
CA SER C 40 9.35 -24.34 -29.90
C SER C 40 8.75 -23.06 -30.41
N LEU C 41 9.44 -22.39 -31.32
CA LEU C 41 8.92 -21.14 -31.88
C LEU C 41 7.49 -21.23 -32.35
N THR C 42 7.24 -22.19 -33.21
CA THR C 42 5.93 -22.39 -33.75
C THR C 42 4.92 -22.42 -32.61
N ILE C 43 5.20 -23.21 -31.59
CA ILE C 43 4.29 -23.29 -30.47
C ILE C 43 4.07 -21.93 -29.81
N GLU C 44 5.15 -21.19 -29.61
CA GLU C 44 5.05 -19.93 -28.91
C GLU C 44 4.14 -18.99 -29.66
N ARG C 45 4.25 -19.01 -30.98
CA ARG C 45 3.48 -18.09 -31.79
C ARG C 45 2.00 -18.51 -31.87
N MET C 46 1.72 -19.81 -32.00
CA MET C 46 0.37 -20.42 -31.88
C MET C 46 -0.38 -19.87 -30.69
N VAL C 47 0.37 -19.45 -29.70
CA VAL C 47 -0.29 -19.13 -28.46
C VAL C 47 -0.53 -17.67 -28.45
N LEU C 48 0.48 -16.89 -28.78
CA LEU C 48 0.35 -15.47 -28.75
C LEU C 48 -0.73 -15.02 -29.76
N SER C 49 -0.85 -15.77 -30.88
CA SER C 49 -1.88 -15.53 -31.87
C SER C 49 -3.24 -15.78 -31.23
N ALA C 50 -3.36 -16.93 -30.58
CA ALA C 50 -4.65 -17.31 -30.02
C ALA C 50 -5.07 -16.36 -28.89
N PHE C 51 -4.14 -15.73 -28.22
CA PHE C 51 -4.51 -14.84 -27.16
C PHE C 51 -4.52 -13.39 -27.64
N ASP C 52 -4.65 -13.21 -28.96
CA ASP C 52 -4.59 -11.87 -29.60
C ASP C 52 -4.82 -11.89 -31.13
N THR C 53 -5.43 -21.52 -34.64
CA THR C 53 -4.24 -21.20 -35.46
C THR C 53 -3.42 -22.44 -35.59
N GLY C 54 -2.43 -22.38 -36.47
CA GLY C 54 -1.62 -23.55 -36.82
C GLY C 54 -0.19 -23.10 -36.97
N GLY C 55 0.66 -23.98 -37.50
CA GLY C 55 2.04 -23.62 -37.71
C GLY C 55 2.89 -24.80 -38.17
N PRO C 56 4.17 -24.51 -38.50
CA PRO C 56 5.12 -25.48 -39.03
C PRO C 56 5.70 -26.35 -37.91
N ILE C 57 5.57 -27.65 -38.06
CA ILE C 57 6.08 -28.54 -37.02
C ILE C 57 6.96 -29.63 -37.59
N TYR C 58 8.24 -29.60 -37.24
CA TYR C 58 9.19 -30.55 -37.81
C TYR C 58 9.35 -31.85 -37.01
N ARG C 59 9.35 -32.95 -37.75
CA ARG C 59 9.38 -34.26 -37.16
C ARG C 59 10.61 -35.00 -37.61
N ARG C 60 11.02 -36.00 -36.82
CA ARG C 60 12.26 -36.74 -37.13
C ARG C 60 11.98 -38.17 -37.53
N VAL C 61 12.19 -38.52 -38.79
CA VAL C 61 12.08 -39.93 -39.23
C VAL C 61 13.47 -40.47 -39.58
N ASP C 62 13.64 -41.80 -39.55
CA ASP C 62 14.91 -42.44 -39.93
C ASP C 62 15.68 -41.54 -40.89
N GLY C 63 16.72 -40.86 -40.41
CA GLY C 63 17.56 -40.07 -41.32
C GLY C 63 17.22 -38.63 -41.50
N LYS C 64 16.02 -38.36 -42.03
CA LYS C 64 15.64 -37.00 -42.51
C LYS C 64 14.53 -36.30 -41.74
N TRP C 65 14.38 -35.00 -41.95
CA TRP C 65 13.40 -34.26 -41.14
C TRP C 65 12.14 -33.96 -41.90
N ARG C 66 10.99 -34.28 -41.31
CA ARG C 66 9.73 -34.07 -41.99
C ARG C 66 8.97 -32.90 -41.39
N ARG C 67 8.62 -31.93 -42.24
CA ARG C 67 7.87 -30.75 -41.80
C ARG C 67 6.36 -31.02 -41.87
N GLU C 68 5.66 -30.92 -40.75
CA GLU C 68 4.19 -31.02 -40.74
C GLU C 68 3.49 -29.68 -40.63
N LEU C 69 2.50 -29.48 -41.48
CA LEU C 69 1.75 -28.24 -41.40
C LEU C 69 0.51 -28.54 -40.60
N ILE C 70 0.37 -28.01 -39.39
CA ILE C 70 -0.80 -28.37 -38.55
C ILE C 70 -1.58 -27.19 -38.03
N LEU C 71 -2.80 -27.49 -37.59
CA LEU C 71 -3.73 -26.46 -37.07
C LEU C 71 -4.36 -26.91 -35.75
N TYR C 72 -4.57 -25.97 -34.83
CA TYR C 72 -5.18 -26.28 -33.51
C TYR C 72 -6.35 -25.35 -33.14
N ASP C 73 -7.29 -25.85 -32.36
CA ASP C 73 -8.40 -25.02 -31.97
C ASP C 73 -7.89 -23.78 -31.25
N LYS C 74 -8.00 -22.62 -31.90
CA LYS C 74 -7.52 -21.40 -31.25
C LYS C 74 -7.89 -21.34 -29.77
N GLU C 75 -9.02 -21.98 -29.39
CA GLU C 75 -9.48 -21.87 -28.01
C GLU C 75 -8.89 -22.98 -27.20
N GLU C 76 -8.79 -24.15 -27.83
CA GLU C 76 -8.11 -25.19 -27.15
C GLU C 76 -6.76 -24.69 -26.61
N ILE C 77 -6.05 -23.91 -27.45
CA ILE C 77 -4.72 -23.40 -27.07
C ILE C 77 -4.86 -22.52 -25.86
N ARG C 78 -5.86 -21.68 -25.89
CA ARG C 78 -6.10 -20.78 -24.78
C ARG C 78 -6.48 -21.55 -23.54
N ARG C 79 -7.11 -22.70 -23.74
CA ARG C 79 -7.52 -23.52 -22.62
C ARG C 79 -6.30 -24.15 -21.94
N ILE C 80 -5.47 -24.77 -22.76
CA ILE C 80 -4.28 -25.45 -22.27
C ILE C 80 -3.36 -24.48 -21.56
N TRP C 81 -3.24 -23.27 -22.11
CA TRP C 81 -2.43 -22.22 -21.53
C TRP C 81 -2.85 -21.99 -20.09
N ARG C 82 -4.12 -21.65 -19.85
CA ARG C 82 -4.55 -21.28 -18.48
C ARG C 82 -4.38 -22.48 -17.56
N GLN C 83 -4.75 -23.65 -18.06
CA GLN C 83 -4.54 -24.83 -17.29
C GLN C 83 -3.16 -24.80 -16.65
N ALA C 84 -2.16 -24.39 -17.43
CA ALA C 84 -0.78 -24.40 -16.93
C ALA C 84 -0.58 -23.30 -15.94
N ASN C 85 -1.10 -22.12 -16.20
CA ASN C 85 -1.03 -21.00 -15.23
C ASN C 85 -2.13 -20.93 -14.15
N ASN C 86 -2.66 -22.07 -13.73
CA ASN C 86 -3.73 -22.05 -12.75
C ASN C 86 -5.02 -21.33 -13.20
N GLY C 87 -5.33 -21.39 -14.47
CA GLY C 87 -6.51 -20.71 -14.94
C GLY C 87 -6.34 -19.21 -14.94
N ASP C 88 -5.11 -18.75 -14.71
CA ASP C 88 -4.80 -17.34 -14.82
C ASP C 88 -4.53 -16.94 -16.24
N ASP C 89 -4.36 -15.64 -16.45
CA ASP C 89 -4.10 -15.16 -17.81
C ASP C 89 -2.59 -15.09 -18.05
N ALA C 90 -1.91 -14.70 -16.96
CA ALA C 90 -0.49 -14.54 -16.92
C ALA C 90 -0.09 -13.77 -18.17
N THR C 91 -0.53 -12.53 -18.29
CA THR C 91 -0.17 -11.73 -19.47
C THR C 91 1.33 -11.62 -19.51
N ALA C 92 1.92 -11.47 -18.34
CA ALA C 92 3.36 -11.47 -18.26
C ALA C 92 3.96 -12.60 -19.10
N GLY C 93 3.45 -13.80 -18.88
CA GLY C 93 3.95 -14.95 -19.61
C GLY C 93 3.92 -14.83 -21.12
N LEU C 94 2.83 -14.32 -21.68
CA LEU C 94 2.68 -14.22 -23.11
C LEU C 94 3.60 -13.11 -23.57
N THR C 95 3.67 -12.08 -22.75
CA THR C 95 4.47 -10.91 -23.02
C THR C 95 5.91 -11.35 -23.05
N HIS C 96 6.25 -12.36 -22.24
CA HIS C 96 7.64 -12.84 -22.15
C HIS C 96 8.09 -13.44 -23.47
N MET C 97 7.23 -14.23 -24.08
CA MET C 97 7.57 -14.89 -25.33
C MET C 97 7.38 -13.84 -26.36
N MET C 98 6.66 -12.78 -25.98
CA MET C 98 6.40 -11.67 -26.91
C MET C 98 7.77 -11.02 -27.08
N ILE C 99 8.58 -11.02 -26.04
CA ILE C 99 9.90 -10.39 -26.13
C ILE C 99 10.97 -11.33 -26.73
N TRP C 100 10.86 -12.59 -26.38
CA TRP C 100 11.87 -13.51 -26.83
C TRP C 100 11.84 -13.39 -28.35
N HIS C 101 10.66 -13.21 -28.89
CA HIS C 101 10.52 -13.12 -30.31
C HIS C 101 11.15 -11.81 -30.70
N SER C 102 10.85 -10.77 -29.93
CA SER C 102 11.39 -9.45 -30.26
C SER C 102 12.92 -9.51 -30.36
N ASN C 103 13.54 -9.96 -29.31
CA ASN C 103 14.95 -9.92 -29.20
C ASN C 103 15.67 -10.74 -30.28
N LEU C 104 14.95 -11.76 -30.78
CA LEU C 104 15.38 -12.58 -31.87
C LEU C 104 15.24 -11.82 -33.16
N ASN C 105 14.29 -10.92 -33.23
CA ASN C 105 14.04 -10.27 -34.50
C ASN C 105 14.95 -9.06 -34.61
N ASP C 106 15.26 -8.46 -33.49
CA ASP C 106 16.11 -7.34 -33.48
C ASP C 106 17.56 -7.77 -33.79
N ALA C 107 17.80 -9.07 -33.80
CA ALA C 107 19.13 -9.58 -34.10
C ALA C 107 19.20 -10.31 -35.43
N THR C 108 18.11 -10.93 -35.85
CA THR C 108 18.10 -11.67 -37.11
C THR C 108 17.99 -10.68 -38.23
N TYR C 109 17.24 -9.58 -38.01
CA TYR C 109 16.95 -8.60 -39.08
C TYR C 109 17.30 -7.15 -38.81
N GLN C 110 17.50 -6.43 -39.89
CA GLN C 110 17.79 -5.02 -39.81
C GLN C 110 16.63 -4.30 -40.45
N ARG C 111 16.06 -3.37 -39.70
CA ARG C 111 14.77 -2.80 -40.12
C ARG C 111 14.99 -1.41 -40.70
N THR C 112 15.57 -1.37 -41.90
CA THR C 112 15.94 -0.11 -42.53
C THR C 112 14.77 0.42 -43.31
N ARG C 113 14.15 -0.47 -44.09
CA ARG C 113 13.03 -0.11 -44.96
C ARG C 113 12.02 0.77 -44.21
N ALA C 114 11.76 0.39 -42.97
CA ALA C 114 10.80 1.07 -42.13
C ALA C 114 11.30 2.39 -41.58
N LEU C 115 12.60 2.47 -41.25
CA LEU C 115 13.14 3.69 -40.60
C LEU C 115 13.09 4.90 -41.56
N VAL C 116 13.48 4.61 -42.80
CA VAL C 116 13.61 5.61 -43.84
C VAL C 116 12.22 6.08 -44.28
N ARG C 117 11.35 5.09 -44.58
CA ARG C 117 9.96 5.36 -44.91
C ARG C 117 9.28 6.18 -43.79
N THR C 118 9.77 6.07 -42.56
CA THR C 118 9.33 6.94 -41.48
C THR C 118 10.07 8.30 -41.52
N GLY C 119 11.32 8.30 -41.95
CA GLY C 119 12.03 9.57 -42.08
C GLY C 119 13.06 9.66 -40.96
N MET C 120 13.58 8.48 -40.61
CA MET C 120 14.62 8.27 -39.60
C MET C 120 15.88 7.80 -40.34
N ASP C 121 17.05 8.16 -39.84
CA ASP C 121 18.25 7.74 -40.54
C ASP C 121 18.54 6.24 -40.35
N PRO C 122 18.77 5.48 -41.46
CA PRO C 122 19.00 4.02 -41.38
C PRO C 122 20.11 3.67 -40.43
N ARG C 123 21.06 4.56 -40.29
CA ARG C 123 22.10 4.37 -39.29
C ARG C 123 21.65 4.53 -37.85
N MET C 124 20.35 4.53 -37.59
CA MET C 124 19.85 4.64 -36.22
C MET C 124 19.39 3.29 -35.69
N CYS C 125 20.02 2.22 -36.20
CA CYS C 125 19.82 0.83 -35.74
C CYS C 125 19.80 0.62 -34.24
N SER C 126 20.83 1.11 -33.55
CA SER C 126 21.00 0.93 -32.09
C SER C 126 19.92 1.57 -31.19
N LEU C 127 18.91 2.15 -31.82
CA LEU C 127 17.87 2.85 -31.13
C LEU C 127 16.55 2.16 -31.45
N MET C 128 16.54 1.17 -32.33
CA MET C 128 15.29 0.50 -32.66
C MET C 128 15.03 -0.83 -31.88
N GLN C 129 15.46 -0.89 -30.63
CA GLN C 129 15.22 -2.05 -29.81
C GLN C 129 13.75 -2.35 -29.46
N GLY C 130 13.16 -3.31 -30.12
CA GLY C 130 11.81 -3.66 -29.82
C GLY C 130 10.87 -3.00 -30.82
N SER C 131 11.38 -2.58 -31.97
CA SER C 131 10.47 -2.05 -32.94
C SER C 131 9.45 -3.12 -33.39
N THR C 132 9.73 -4.41 -33.20
CA THR C 132 8.85 -5.48 -33.72
C THR C 132 7.80 -5.85 -32.67
N LEU C 133 8.03 -5.31 -31.50
CA LEU C 133 7.30 -5.77 -30.35
C LEU C 133 5.90 -5.21 -30.36
N PRO C 134 4.90 -6.08 -30.62
CA PRO C 134 3.51 -5.57 -30.68
C PRO C 134 3.17 -4.61 -29.51
N ARG C 135 2.43 -3.55 -29.85
CA ARG C 135 1.91 -2.60 -28.85
C ARG C 135 1.19 -3.29 -27.69
N ARG C 136 0.51 -4.41 -27.97
CA ARG C 136 -0.09 -5.26 -26.93
C ARG C 136 0.88 -5.56 -25.78
N SER C 137 2.19 -5.51 -26.04
CA SER C 137 3.17 -5.75 -24.99
C SER C 137 2.80 -4.97 -23.74
N GLY C 138 3.18 -5.51 -22.61
CA GLY C 138 2.85 -4.87 -21.36
C GLY C 138 3.63 -3.65 -21.01
N ALA C 139 3.45 -3.19 -19.79
CA ALA C 139 4.11 -2.01 -19.31
C ALA C 139 5.65 -2.26 -19.18
N ALA C 140 6.03 -3.49 -18.84
CA ALA C 140 7.43 -3.82 -18.56
C ALA C 140 7.96 -4.37 -19.90
N GLY C 141 7.01 -4.44 -20.85
CA GLY C 141 7.32 -4.73 -22.24
C GLY C 141 7.84 -3.52 -23.02
N ALA C 142 7.38 -2.32 -22.71
CA ALA C 142 7.80 -1.16 -23.42
C ALA C 142 9.12 -0.69 -22.82
N ALA C 143 9.34 -0.90 -21.52
CA ALA C 143 10.62 -0.46 -20.91
C ALA C 143 11.89 -0.99 -21.62
N VAL C 144 11.69 -2.03 -22.43
CA VAL C 144 12.79 -2.69 -23.10
C VAL C 144 13.05 -1.93 -24.38
N LYS C 145 12.06 -1.13 -24.82
CA LYS C 145 12.17 -0.34 -26.08
C LYS C 145 13.28 0.73 -26.15
N GLY C 146 13.95 0.79 -27.31
CA GLY C 146 14.94 1.84 -27.53
C GLY C 146 14.27 3.17 -27.84
N VAL C 147 15.01 4.27 -27.59
CA VAL C 147 14.52 5.64 -27.80
C VAL C 147 13.97 5.79 -29.23
N GLY C 148 14.77 5.34 -30.18
CA GLY C 148 14.40 5.32 -31.56
C GLY C 148 13.14 4.56 -31.79
N THR C 149 12.82 3.61 -30.92
CA THR C 149 11.65 2.76 -31.22
C THR C 149 10.39 3.60 -31.06
N MET C 150 10.43 4.47 -30.07
CA MET C 150 9.27 5.21 -29.70
C MET C 150 8.96 6.21 -30.80
N VAL C 151 10.00 6.94 -31.20
CA VAL C 151 9.94 7.90 -32.28
C VAL C 151 9.28 7.36 -33.58
N MET C 152 9.61 6.16 -34.03
CA MET C 152 9.04 5.63 -35.24
C MET C 152 7.51 5.54 -35.16
N GLU C 153 7.02 5.42 -33.91
CA GLU C 153 5.58 5.25 -33.62
C GLU C 153 4.85 6.58 -33.68
N LEU C 154 5.15 7.44 -32.70
CA LEU C 154 4.67 8.79 -32.68
C LEU C 154 4.71 9.42 -34.09
N ILE C 155 5.88 9.40 -34.73
CA ILE C 155 6.01 9.90 -36.10
C ILE C 155 4.97 9.30 -37.07
N ARG C 156 4.57 8.04 -36.88
CA ARG C 156 3.59 7.50 -37.82
C ARG C 156 2.20 7.88 -37.36
N MET C 157 2.03 7.84 -36.04
CA MET C 157 0.76 8.21 -35.41
C MET C 157 0.49 9.66 -35.82
N ILE C 158 1.47 10.54 -35.56
CA ILE C 158 1.45 11.93 -36.02
C ILE C 158 1.37 12.07 -37.55
N LYS C 159 2.24 11.40 -38.31
CA LYS C 159 2.28 11.60 -39.77
C LYS C 159 0.94 11.34 -40.47
N ARG C 160 0.25 10.28 -40.13
CA ARG C 160 -1.05 10.06 -40.76
C ARG C 160 -2.16 11.06 -40.31
N GLY C 161 -2.16 11.36 -39.00
CA GLY C 161 -3.09 12.35 -38.38
C GLY C 161 -2.86 13.74 -38.90
N ILE C 162 -1.67 14.29 -38.63
CA ILE C 162 -1.28 15.59 -39.17
C ILE C 162 -1.29 15.54 -40.67
N ASN C 163 -1.29 14.50 -41.30
CA ASN C 163 -1.46 14.47 -42.76
C ASN C 163 -2.95 14.52 -43.00
N ARG C 164 -9.98 10.31 -31.03
CA ARG C 164 -10.40 11.11 -29.88
C ARG C 164 -9.53 10.85 -28.66
N ARG C 165 -9.68 9.64 -28.12
CA ARG C 165 -8.97 9.16 -26.96
C ARG C 165 -7.48 9.00 -27.28
N THR C 166 -7.18 9.00 -28.58
CA THR C 166 -5.82 8.91 -29.12
C THR C 166 -4.82 9.85 -28.45
N ARG C 167 -5.31 10.86 -27.75
CA ARG C 167 -4.46 11.86 -27.08
C ARG C 167 -3.69 11.37 -25.82
N ILE C 168 -4.37 10.73 -24.88
CA ILE C 168 -3.74 10.19 -23.68
C ILE C 168 -2.55 9.29 -24.04
N ALA C 169 -2.69 8.56 -25.17
CA ALA C 169 -1.61 7.76 -25.75
C ALA C 169 -0.42 8.66 -26.00
N TYR C 170 -0.59 9.65 -26.88
CA TYR C 170 0.49 10.50 -27.34
C TYR C 170 1.29 11.07 -26.17
N GLU C 171 0.60 11.63 -25.16
CA GLU C 171 1.29 12.24 -24.02
C GLU C 171 2.08 11.20 -23.26
N ARG C 172 1.42 10.10 -22.95
CA ARG C 172 2.11 9.01 -22.26
C ARG C 172 3.28 8.47 -23.08
N MET C 173 3.02 8.15 -24.35
CA MET C 173 4.04 7.66 -25.24
C MET C 173 5.21 8.59 -25.14
N CYS C 174 4.98 9.86 -24.86
CA CYS C 174 6.11 10.79 -24.71
C CYS C 174 6.71 10.69 -23.32
N ASN C 175 5.87 10.42 -22.33
CA ASN C 175 6.35 10.44 -20.95
C ASN C 175 7.32 9.33 -20.77
N ILE C 176 6.95 8.20 -21.36
CA ILE C 176 7.81 7.03 -21.51
C ILE C 176 9.06 7.44 -22.25
N LEU C 177 8.84 8.03 -23.42
CA LEU C 177 9.89 8.55 -24.25
C LEU C 177 10.80 9.33 -23.33
N LYS C 178 10.22 10.26 -22.57
CA LYS C 178 11.05 11.19 -21.78
C LYS C 178 11.77 10.45 -20.68
N GLY C 179 11.13 9.38 -20.23
CA GLY C 179 11.69 8.63 -19.12
C GLY C 179 12.87 7.79 -19.58
N LYS C 180 13.11 7.79 -20.90
CA LYS C 180 14.27 7.13 -21.46
C LYS C 180 15.49 8.05 -21.24
N PHE C 181 15.32 9.33 -21.52
CA PHE C 181 16.37 10.32 -21.31
C PHE C 181 16.75 10.41 -19.86
N GLN C 182 18.04 10.66 -19.64
CA GLN C 182 18.61 10.81 -18.31
C GLN C 182 19.48 12.05 -18.18
N THR C 183 19.07 13.15 -18.83
CA THR C 183 19.73 14.46 -18.70
C THR C 183 18.73 15.59 -18.76
N ALA C 184 18.99 16.66 -17.98
CA ALA C 184 18.14 17.85 -17.96
C ALA C 184 17.45 18.15 -19.32
N ALA C 185 18.21 18.75 -20.24
CA ALA C 185 17.71 19.22 -21.53
C ALA C 185 16.90 18.16 -22.27
N GLN C 186 17.52 16.98 -22.36
CA GLN C 186 16.91 15.83 -22.98
C GLN C 186 15.50 15.75 -22.43
N ARG C 187 15.43 15.66 -21.10
CA ARG C 187 14.17 15.55 -20.40
C ARG C 187 13.27 16.75 -20.77
N THR C 188 13.82 17.97 -20.66
CA THR C 188 13.01 19.17 -20.88
C THR C 188 12.49 19.29 -22.31
N MET C 189 13.31 18.88 -23.27
CA MET C 189 12.96 19.10 -24.68
C MET C 189 11.81 18.23 -25.18
N VAL C 190 11.57 17.18 -24.41
CA VAL C 190 10.58 16.19 -24.72
C VAL C 190 9.26 16.81 -24.43
N ASP C 191 9.23 17.57 -23.32
CA ASP C 191 8.07 18.35 -22.90
C ASP C 191 7.70 19.39 -23.97
N GLN C 192 8.70 20.15 -24.43
CA GLN C 192 8.49 21.15 -25.46
C GLN C 192 7.84 20.52 -26.70
N VAL C 193 8.02 19.21 -26.86
CA VAL C 193 7.39 18.45 -27.95
C VAL C 193 5.95 18.03 -27.64
N ARG C 194 5.76 17.54 -26.42
CA ARG C 194 4.46 17.12 -25.95
C ARG C 194 3.43 18.26 -25.78
N GLU C 195 3.85 19.49 -26.10
CA GLU C 195 2.97 20.65 -25.93
C GLU C 195 1.89 20.79 -27.01
N SER C 196 2.17 20.34 -28.22
CA SER C 196 1.26 20.56 -29.35
C SER C 196 0.19 19.46 -29.56
N ARG C 197 -1.07 19.88 -29.66
CA ARG C 197 -2.17 18.93 -29.87
C ARG C 197 -2.05 18.30 -31.24
N ASN C 198 -1.78 19.13 -32.23
CA ASN C 198 -1.62 18.65 -33.58
C ASN C 198 -0.17 18.89 -33.97
N PRO C 199 0.78 18.16 -33.36
CA PRO C 199 2.22 18.41 -33.56
C PRO C 199 2.64 18.12 -35.00
N GLY C 200 2.98 19.15 -35.76
CA GLY C 200 3.30 18.92 -37.16
C GLY C 200 4.79 18.74 -37.32
N ASN C 201 5.28 18.94 -38.56
CA ASN C 201 6.72 18.94 -38.84
C ASN C 201 7.61 19.64 -37.82
N ALA C 202 7.02 20.59 -37.07
CA ALA C 202 7.69 21.23 -35.93
C ALA C 202 8.28 20.17 -35.00
N GLU C 203 7.40 19.24 -34.62
CA GLU C 203 7.74 18.12 -33.75
C GLU C 203 8.49 17.07 -34.60
N PHE C 204 7.82 16.61 -35.68
CA PHE C 204 8.41 15.66 -36.66
C PHE C 204 9.92 15.87 -36.80
N GLU C 205 10.32 17.10 -37.11
CA GLU C 205 11.73 17.40 -37.15
C GLU C 205 12.43 17.40 -35.76
N ASP C 206 11.75 17.83 -34.70
CA ASP C 206 12.49 17.93 -33.41
C ASP C 206 12.86 16.59 -32.71
N LEU C 207 11.95 15.61 -32.77
CA LEU C 207 12.14 14.36 -32.05
C LEU C 207 13.26 13.60 -32.74
N ILE C 208 13.27 13.68 -34.07
CA ILE C 208 14.31 13.10 -34.89
C ILE C 208 15.66 13.57 -34.37
N PHE C 209 15.72 14.86 -34.02
CA PHE C 209 16.91 15.44 -33.37
C PHE C 209 17.31 14.65 -32.07
N LEU C 210 16.36 14.66 -31.13
CA LEU C 210 16.43 13.97 -29.86
C LEU C 210 16.78 12.48 -30.12
N ALA C 211 16.24 11.90 -31.19
CA ALA C 211 16.62 10.53 -31.60
C ALA C 211 18.16 10.43 -31.74
N ARG C 212 18.70 11.40 -32.48
CA ARG C 212 20.11 11.46 -32.69
C ARG C 212 20.88 11.84 -31.43
N SER C 213 20.25 12.52 -30.49
CA SER C 213 20.97 12.92 -29.28
C SER C 213 21.31 11.70 -28.43
N ALA C 214 20.51 10.65 -28.59
CA ALA C 214 20.58 9.44 -27.79
C ALA C 214 21.72 8.55 -28.24
N LEU C 215 22.20 8.84 -29.47
CA LEU C 215 23.35 8.20 -30.10
C LEU C 215 24.56 8.60 -29.37
N ILE C 216 24.46 9.67 -28.58
CA ILE C 216 25.60 10.15 -27.88
C ILE C 216 25.31 10.18 -26.38
N LEU C 217 24.16 10.74 -26.03
CA LEU C 217 23.67 10.79 -24.64
C LEU C 217 22.52 9.80 -24.64
N ARG C 218 22.88 8.56 -24.33
CA ARG C 218 21.95 7.47 -24.51
C ARG C 218 20.92 7.63 -23.40
N GLY C 219 19.83 6.86 -23.49
CA GLY C 219 18.86 6.77 -22.41
C GLY C 219 18.89 5.48 -21.63
N SER C 220 17.93 5.34 -20.74
CA SER C 220 17.76 4.14 -19.96
C SER C 220 16.83 3.21 -20.72
N VAL C 221 17.39 2.10 -21.19
CA VAL C 221 16.59 1.03 -21.76
C VAL C 221 16.96 -0.30 -21.15
N ALA C 222 15.99 -0.86 -20.44
CA ALA C 222 16.07 -2.21 -19.90
C ALA C 222 16.27 -3.30 -20.97
N HIS C 223 17.09 -4.31 -20.60
CA HIS C 223 17.32 -5.51 -21.41
C HIS C 223 16.84 -6.73 -20.62
N LYS C 224 16.06 -7.59 -21.26
CA LYS C 224 15.47 -8.77 -20.62
C LYS C 224 15.96 -10.06 -21.32
N SER C 225 16.59 -10.95 -20.56
CA SER C 225 17.08 -12.21 -21.10
C SER C 225 15.93 -13.20 -21.25
N CYS C 226 15.32 -13.24 -22.40
CA CYS C 226 14.13 -14.10 -22.53
C CYS C 226 14.41 -15.29 -23.37
N LEU C 227 14.46 -16.50 -22.78
CA LEU C 227 14.83 -17.71 -23.50
C LEU C 227 13.64 -18.35 -24.15
N PRO C 228 13.80 -19.21 -25.18
CA PRO C 228 12.73 -19.93 -25.91
C PRO C 228 11.92 -20.77 -24.99
N ALA C 229 10.67 -21.02 -25.34
CA ALA C 229 9.79 -21.83 -24.49
C ALA C 229 10.40 -23.20 -24.12
N CYS C 230 11.14 -23.78 -25.05
CA CYS C 230 11.63 -25.10 -24.85
C CYS C 230 12.60 -25.13 -23.65
N VAL C 231 13.34 -24.05 -23.51
CA VAL C 231 14.36 -24.01 -22.52
C VAL C 231 13.70 -24.03 -21.16
N TYR C 232 12.68 -23.20 -20.93
CA TYR C 232 11.88 -23.21 -19.73
C TYR C 232 11.10 -24.52 -19.59
N GLY C 233 10.42 -24.98 -20.63
CA GLY C 233 9.76 -26.33 -20.58
C GLY C 233 10.70 -27.42 -20.11
N SER C 234 11.84 -27.49 -20.72
CA SER C 234 12.79 -28.53 -20.36
C SER C 234 13.21 -28.41 -18.88
N ALA C 235 13.45 -27.19 -18.42
CA ALA C 235 13.86 -26.88 -17.07
C ALA C 235 12.79 -27.27 -16.06
N VAL C 236 11.54 -26.95 -16.38
CA VAL C 236 10.43 -27.26 -15.50
C VAL C 236 10.31 -28.76 -15.36
N ALA C 237 10.47 -29.44 -16.48
CA ALA C 237 10.38 -30.89 -16.55
C ALA C 237 11.50 -31.56 -15.79
N SER C 238 12.66 -30.91 -15.72
CA SER C 238 13.81 -31.38 -14.98
C SER C 238 13.69 -31.13 -13.50
N GLY C 239 12.52 -30.73 -13.04
CA GLY C 239 12.41 -30.56 -11.66
C GLY C 239 12.48 -29.11 -11.23
N TYR C 240 13.16 -28.21 -11.96
CA TYR C 240 13.30 -26.84 -11.47
C TYR C 240 12.00 -26.24 -11.23
N ASP C 241 11.82 -25.79 -10.00
CA ASP C 241 10.54 -25.23 -9.56
C ASP C 241 10.73 -23.77 -9.25
N PHE C 242 10.82 -22.93 -10.28
CA PHE C 242 11.28 -21.55 -10.19
C PHE C 242 10.54 -20.67 -9.23
N GLU C 243 9.22 -20.66 -9.28
CA GLU C 243 8.47 -19.91 -8.23
C GLU C 243 8.97 -20.13 -6.80
N ARG C 244 9.53 -21.29 -6.50
CA ARG C 244 10.03 -21.57 -5.18
C ARG C 244 11.48 -21.20 -5.09
N GLU C 245 12.25 -21.51 -6.13
CA GLU C 245 13.70 -21.23 -6.12
C GLU C 245 14.04 -19.87 -6.71
N GLY C 246 13.07 -19.13 -7.20
CA GLY C 246 13.38 -17.81 -7.68
C GLY C 246 14.06 -17.84 -9.05
N TYR C 247 13.80 -16.78 -9.82
CA TYR C 247 14.37 -16.63 -11.15
C TYR C 247 14.48 -15.13 -11.53
N SER C 248 15.42 -14.75 -12.42
CA SER C 248 15.52 -13.35 -12.91
C SER C 248 15.65 -13.33 -14.41
N LEU C 249 15.46 -12.15 -14.99
CA LEU C 249 15.69 -11.92 -16.41
C LEU C 249 16.87 -10.96 -16.60
N VAL C 250 17.46 -10.47 -15.51
CA VAL C 250 18.57 -9.52 -15.63
C VAL C 250 19.70 -9.93 -14.66
N GLY C 251 19.55 -11.12 -14.06
CA GLY C 251 20.60 -11.63 -13.19
C GLY C 251 21.42 -12.74 -13.76
N ILE C 252 21.88 -13.60 -12.88
CA ILE C 252 22.67 -14.79 -13.28
C ILE C 252 21.75 -15.96 -13.68
N ASP C 253 20.47 -15.86 -13.35
CA ASP C 253 19.55 -16.96 -13.52
C ASP C 253 19.53 -17.39 -15.00
N PRO C 254 19.30 -16.44 -15.88
CA PRO C 254 19.15 -16.82 -17.28
C PRO C 254 20.43 -17.40 -17.81
N PHE C 255 21.56 -16.77 -17.58
CA PHE C 255 22.79 -17.40 -18.06
C PHE C 255 22.93 -18.82 -17.51
N ARG C 256 22.71 -19.01 -16.21
CA ARG C 256 22.92 -20.33 -15.60
C ARG C 256 22.03 -21.39 -16.27
N LEU C 257 20.76 -21.03 -16.48
CA LEU C 257 19.86 -21.91 -17.13
C LEU C 257 20.41 -22.29 -18.50
N LEU C 258 20.87 -21.32 -19.28
CA LEU C 258 21.42 -21.62 -20.60
C LEU C 258 22.75 -22.37 -20.51
N GLN C 259 23.27 -22.62 -19.32
CA GLN C 259 24.55 -23.33 -19.22
C GLN C 259 24.33 -24.82 -19.30
N ASN C 260 23.06 -25.23 -19.29
CA ASN C 260 22.69 -26.65 -19.32
C ASN C 260 21.62 -27.00 -20.34
N SER C 261 21.24 -26.02 -21.13
CA SER C 261 20.17 -26.19 -22.06
C SER C 261 20.64 -27.06 -23.20
N GLN C 262 19.77 -27.90 -23.71
CA GLN C 262 20.13 -28.77 -24.82
C GLN C 262 19.25 -28.36 -25.99
N VAL C 263 19.49 -27.21 -26.57
CA VAL C 263 18.64 -26.76 -27.62
C VAL C 263 19.18 -27.11 -28.98
N TYR C 264 18.32 -27.70 -29.81
CA TYR C 264 18.70 -28.01 -31.18
C TYR C 264 18.03 -27.11 -32.20
N SER C 265 18.69 -26.95 -33.34
CA SER C 265 18.15 -26.10 -34.40
C SER C 265 18.29 -26.61 -35.82
N LEU C 266 17.28 -26.40 -36.65
CA LEU C 266 17.39 -26.75 -38.08
C LEU C 266 18.36 -25.83 -38.72
N ILE C 267 19.16 -26.42 -39.61
CA ILE C 267 20.26 -25.70 -40.22
C ILE C 267 20.39 -26.04 -41.70
N ARG C 268 20.27 -25.01 -42.53
CA ARG C 268 20.42 -25.16 -43.99
C ARG C 268 21.80 -25.68 -44.43
N PRO C 269 21.87 -26.40 -45.60
CA PRO C 269 23.06 -27.13 -46.10
C PRO C 269 24.37 -26.35 -46.07
N ASN C 270 24.34 -25.12 -46.56
CA ASN C 270 25.58 -24.35 -46.52
C ASN C 270 25.85 -23.46 -45.31
N GLU C 271 25.01 -23.54 -44.28
CA GLU C 271 25.12 -22.59 -43.14
C GLU C 271 26.11 -23.09 -42.11
N ASN C 272 26.64 -22.15 -41.33
CA ASN C 272 27.65 -22.46 -40.38
C ASN C 272 27.02 -22.62 -39.03
N PRO C 273 27.11 -23.82 -38.42
CA PRO C 273 26.52 -24.05 -37.09
C PRO C 273 26.97 -23.01 -36.02
N ALA C 274 28.27 -22.76 -36.00
CA ALA C 274 28.85 -21.92 -34.98
C ALA C 274 28.23 -20.55 -35.08
N HIS C 275 27.86 -20.23 -36.34
CA HIS C 275 27.35 -18.93 -36.68
C HIS C 275 25.89 -18.91 -36.24
N LYS C 276 25.23 -20.06 -36.37
CA LYS C 276 23.82 -20.17 -35.98
C LYS C 276 23.65 -19.94 -34.49
N SER C 277 24.43 -20.69 -33.70
CA SER C 277 24.41 -20.55 -32.26
C SER C 277 24.62 -19.10 -31.84
N GLN C 278 25.56 -18.42 -32.51
CA GLN C 278 25.84 -17.06 -32.15
C GLN C 278 24.55 -16.27 -32.14
N LEU C 279 23.84 -16.32 -33.26
CA LEU C 279 22.57 -15.60 -33.46
C LEU C 279 21.63 -15.78 -32.27
N VAL C 280 21.08 -16.99 -32.13
CA VAL C 280 20.29 -17.33 -30.92
C VAL C 280 20.82 -16.81 -29.59
N TRP C 281 22.12 -16.96 -29.37
CA TRP C 281 22.73 -16.45 -28.15
C TRP C 281 22.51 -14.96 -27.99
N MET C 282 22.51 -14.22 -29.11
CA MET C 282 22.41 -12.76 -28.99
C MET C 282 20.99 -12.37 -28.77
N ALA C 283 20.05 -13.22 -29.26
CA ALA C 283 18.64 -13.02 -28.97
C ALA C 283 18.30 -13.41 -27.55
N CYS C 284 19.06 -14.30 -26.95
CA CYS C 284 18.76 -14.61 -25.57
C CYS C 284 19.08 -13.51 -24.56
N HIS C 285 19.90 -12.56 -24.97
CA HIS C 285 20.13 -11.45 -24.09
C HIS C 285 19.91 -10.01 -24.64
N SER C 286 19.35 -9.87 -25.84
CA SER C 286 19.12 -8.50 -26.36
C SER C 286 20.52 -7.85 -26.54
N ALA C 287 21.41 -8.61 -27.22
CA ALA C 287 22.78 -8.16 -27.44
C ALA C 287 22.90 -7.91 -28.91
N ALA C 288 21.83 -7.44 -29.56
CA ALA C 288 21.92 -7.23 -31.03
C ALA C 288 22.47 -5.89 -31.31
N PHE C 289 22.67 -5.05 -30.31
CA PHE C 289 23.15 -3.71 -30.58
C PHE C 289 24.21 -3.47 -29.55
N GLU C 290 24.77 -4.56 -29.01
CA GLU C 290 25.77 -4.38 -27.98
C GLU C 290 27.13 -4.22 -28.69
N ASP C 291 28.16 -3.77 -27.98
CA ASP C 291 29.47 -3.63 -28.57
C ASP C 291 30.05 -5.04 -28.79
N LEU C 292 30.30 -5.45 -30.05
CA LEU C 292 30.73 -6.81 -30.35
C LEU C 292 31.86 -7.21 -29.43
N ARG C 293 32.72 -6.24 -29.12
CA ARG C 293 33.89 -6.50 -28.27
C ARG C 293 33.48 -7.12 -26.97
N VAL C 294 32.54 -6.49 -26.29
CA VAL C 294 32.06 -6.97 -25.01
C VAL C 294 31.27 -8.27 -25.15
N SER C 295 30.34 -8.33 -26.13
CA SER C 295 29.61 -9.55 -26.41
C SER C 295 30.55 -10.72 -26.54
N SER C 296 31.64 -10.58 -27.28
CA SER C 296 32.58 -11.70 -27.44
C SER C 296 33.32 -11.98 -26.15
N PHE C 297 33.46 -10.93 -25.33
CA PHE C 297 34.28 -11.04 -24.17
C PHE C 297 33.53 -11.95 -23.23
N ILE C 298 32.27 -11.63 -23.01
CA ILE C 298 31.41 -12.36 -22.10
C ILE C 298 31.03 -13.74 -22.70
N ARG C 299 30.79 -13.74 -24.01
CA ARG C 299 30.45 -14.93 -24.75
C ARG C 299 31.48 -16.01 -24.56
N GLY C 300 32.74 -15.63 -24.68
CA GLY C 300 33.75 -16.64 -24.50
C GLY C 300 34.45 -16.93 -25.80
N THR C 301 33.79 -16.57 -26.91
CA THR C 301 34.25 -16.81 -28.27
C THR C 301 33.90 -15.69 -29.23
N LYS C 302 34.54 -15.67 -30.39
CA LYS C 302 34.19 -14.62 -31.35
C LYS C 302 32.69 -14.37 -31.58
N VAL C 303 32.30 -13.11 -31.55
CA VAL C 303 30.95 -12.73 -31.85
C VAL C 303 31.02 -11.96 -33.15
N VAL C 304 30.88 -12.73 -34.21
CA VAL C 304 31.05 -12.16 -35.53
C VAL C 304 29.90 -11.24 -35.94
N PRO C 305 30.20 -10.15 -36.69
CA PRO C 305 29.23 -9.19 -37.21
C PRO C 305 28.20 -9.79 -38.11
N ARG C 306 27.08 -9.08 -38.29
CA ARG C 306 25.94 -9.60 -39.01
C ARG C 306 26.33 -9.95 -40.42
N GLY C 307 26.97 -9.03 -41.12
CA GLY C 307 27.35 -9.33 -42.51
C GLY C 307 28.12 -10.64 -42.70
N LYS C 308 29.12 -10.87 -41.85
CA LYS C 308 29.94 -12.03 -41.94
C LYS C 308 29.26 -13.24 -41.36
N LEU C 309 28.03 -13.07 -40.90
CA LEU C 309 27.30 -14.17 -40.34
C LEU C 309 26.64 -15.02 -41.39
N SER C 310 26.91 -16.31 -41.30
CA SER C 310 26.32 -17.27 -42.22
C SER C 310 24.96 -17.84 -41.85
N THR C 311 23.90 -17.09 -42.09
CA THR C 311 22.56 -17.58 -41.81
C THR C 311 21.55 -16.50 -42.21
N ARG C 312 20.33 -16.97 -42.53
CA ARG C 312 19.33 -16.11 -43.12
C ARG C 312 18.19 -15.97 -42.11
N GLY C 313 18.12 -16.89 -41.17
CA GLY C 313 17.04 -16.82 -40.24
C GLY C 313 16.78 -18.16 -39.68
N VAL C 314 16.28 -18.18 -38.46
CA VAL C 314 16.16 -19.41 -37.73
C VAL C 314 14.93 -20.20 -38.16
N GLN C 315 13.86 -19.48 -38.53
CA GLN C 315 12.63 -20.12 -38.98
C GLN C 315 12.81 -20.58 -40.39
N ILE C 316 12.16 -21.68 -40.70
CA ILE C 316 12.27 -22.26 -42.00
C ILE C 316 11.04 -21.87 -42.83
N ALA C 317 11.31 -21.31 -44.01
CA ALA C 317 10.25 -20.87 -44.89
C ALA C 317 9.65 -22.04 -45.66
N SER C 318 8.36 -21.89 -46.03
CA SER C 318 7.59 -22.90 -46.83
C SER C 318 8.24 -23.22 -48.20
N ASN C 319 9.12 -22.32 -48.61
CA ASN C 319 9.77 -22.40 -49.87
C ASN C 319 10.74 -23.55 -49.87
N GLU C 320 11.46 -23.72 -48.77
CA GLU C 320 12.62 -24.60 -48.74
C GLU C 320 12.20 -26.02 -48.74
N ASN C 321 13.14 -26.94 -48.87
CA ASN C 321 12.73 -28.33 -48.87
C ASN C 321 13.42 -28.99 -47.76
N MET C 322 12.90 -30.13 -47.35
CA MET C 322 13.50 -30.86 -46.24
C MET C 322 14.61 -31.83 -46.64
N GLU C 323 14.68 -32.17 -47.93
CA GLU C 323 15.58 -33.21 -48.35
C GLU C 323 16.95 -32.73 -47.95
N THR C 324 17.28 -31.48 -48.31
CA THR C 324 18.60 -30.94 -48.07
C THR C 324 18.60 -30.16 -46.77
N MET C 325 18.13 -30.77 -45.70
CA MET C 325 18.02 -30.06 -44.44
C MET C 325 18.52 -30.94 -43.32
N GLU C 326 19.27 -30.38 -42.39
CA GLU C 326 19.78 -31.13 -41.25
C GLU C 326 19.77 -30.20 -40.03
N SER C 327 20.23 -30.70 -38.88
CA SER C 327 20.06 -29.94 -37.64
C SER C 327 21.28 -30.02 -36.74
N SER C 328 21.64 -28.92 -36.08
CA SER C 328 22.77 -28.91 -35.19
C SER C 328 22.41 -28.54 -33.76
N THR C 329 23.35 -28.75 -32.84
CA THR C 329 23.13 -28.47 -31.45
C THR C 329 23.72 -27.08 -31.17
N LEU C 330 22.86 -26.20 -30.66
CA LEU C 330 23.15 -24.80 -30.51
C LEU C 330 24.07 -24.60 -29.32
N GLU C 331 25.15 -23.85 -29.53
CA GLU C 331 26.07 -23.51 -28.44
C GLU C 331 25.61 -22.23 -27.75
N LEU C 332 24.95 -22.38 -26.60
CA LEU C 332 24.41 -21.21 -25.86
C LEU C 332 25.12 -20.83 -24.57
N ARG C 333 26.07 -21.67 -24.16
CA ARG C 333 26.89 -21.42 -22.99
C ARG C 333 27.67 -20.11 -23.18
N SER C 334 28.00 -19.43 -22.08
CA SER C 334 28.80 -18.22 -22.13
C SER C 334 29.94 -18.32 -21.14
N ARG C 335 30.93 -17.44 -21.30
CA ARG C 335 32.11 -17.48 -20.45
C ARG C 335 31.75 -16.88 -19.09
N TYR C 336 31.43 -15.60 -19.08
CA TYR C 336 31.01 -14.94 -17.87
C TYR C 336 29.56 -14.50 -18.05
N TRP C 337 29.08 -13.70 -17.10
CA TRP C 337 27.79 -13.06 -17.16
C TRP C 337 27.87 -11.66 -16.65
N ALA C 338 26.85 -10.87 -16.97
CA ALA C 338 26.82 -9.48 -16.59
C ALA C 338 25.43 -8.92 -16.28
N ILE C 339 25.35 -8.00 -15.32
CA ILE C 339 24.03 -7.55 -14.97
C ILE C 339 23.37 -6.84 -16.17
N ARG C 340 22.44 -7.47 -16.88
CA ARG C 340 21.85 -6.75 -18.04
C ARG C 340 21.36 -5.41 -17.47
N THR C 341 21.92 -4.27 -17.93
CA THR C 341 21.50 -2.93 -17.40
C THR C 341 20.37 -2.26 -18.16
N ARG C 342 20.04 -1.05 -17.70
CA ARG C 342 19.02 -0.22 -18.31
C ARG C 342 19.61 1.13 -18.71
N SER C 343 20.47 1.64 -17.86
CA SER C 343 21.25 2.86 -18.08
C SER C 343 22.00 2.99 -19.41
N GLY C 344 21.94 4.16 -20.04
CA GLY C 344 22.77 4.44 -21.20
C GLY C 344 24.16 5.04 -20.93
N GLY C 345 24.61 5.11 -19.64
CA GLY C 345 25.87 5.85 -19.28
C GLY C 345 25.82 7.39 -19.42
N ASN C 346 26.61 8.11 -18.62
CA ASN C 346 26.79 9.56 -18.83
C ASN C 346 28.10 10.15 -18.21
N THR C 347 28.61 11.25 -18.79
CA THR C 347 29.78 11.95 -18.22
C THR C 347 29.44 13.40 -17.83
N ASP C 348 34.80 7.84 -23.90
CA ASP C 348 34.24 8.12 -22.57
C ASP C 348 33.74 6.89 -21.86
N VAL C 349 34.42 6.53 -20.79
CA VAL C 349 34.15 5.30 -20.04
C VAL C 349 32.79 5.37 -19.38
N SER C 350 31.93 4.35 -19.56
CA SER C 350 30.65 4.21 -18.80
C SER C 350 30.61 3.03 -17.79
N PHE C 351 29.60 3.01 -16.92
CA PHE C 351 29.46 1.95 -15.93
C PHE C 351 30.78 1.78 -15.17
N GLN C 352 31.34 2.91 -14.74
CA GLN C 352 32.62 2.94 -14.04
C GLN C 352 32.60 1.94 -12.87
N GLY C 353 33.62 1.11 -12.72
CA GLY C 353 33.60 0.12 -11.64
C GLY C 353 32.79 -1.18 -11.85
N ARG C 354 31.69 -1.12 -12.65
CA ARG C 354 30.88 -2.29 -13.00
C ARG C 354 31.70 -3.26 -13.81
N GLY C 355 31.54 -4.56 -13.57
CA GLY C 355 32.32 -5.58 -14.28
C GLY C 355 31.52 -6.81 -14.67
N VAL C 356 32.23 -7.91 -14.86
CA VAL C 356 31.59 -9.13 -15.36
C VAL C 356 31.73 -10.14 -14.25
N PHE C 357 30.81 -11.10 -14.21
CA PHE C 357 30.92 -12.06 -13.14
C PHE C 357 31.14 -13.45 -13.67
N GLU C 358 31.92 -14.22 -12.93
CA GLU C 358 32.10 -15.63 -13.21
C GLU C 358 30.74 -16.31 -13.04
N LEU C 359 30.62 -17.49 -13.67
CA LEU C 359 29.37 -18.21 -13.58
C LEU C 359 29.25 -18.94 -12.27
N SER C 360 30.35 -19.04 -11.48
CA SER C 360 30.28 -19.56 -10.13
C SER C 360 29.77 -18.47 -9.17
N ASP C 361 30.04 -17.21 -9.47
CA ASP C 361 29.74 -16.11 -8.58
C ASP C 361 28.28 -15.80 -8.57
N GLU C 362 27.57 -16.59 -7.79
CA GLU C 362 26.11 -16.56 -7.80
C GLU C 362 25.59 -15.22 -7.34
N LYS C 363 26.13 -14.82 -6.20
CA LYS C 363 25.92 -13.52 -5.60
C LYS C 363 26.66 -12.52 -6.49
N ALA C 364 26.34 -11.25 -6.37
CA ALA C 364 27.10 -10.29 -7.18
C ALA C 364 28.43 -9.88 -6.53
N THR C 365 28.97 -10.76 -5.70
CA THR C 365 30.13 -10.49 -4.91
C THR C 365 31.28 -9.88 -5.62
N SER C 366 32.12 -10.68 -6.29
CA SER C 366 33.32 -10.15 -6.93
C SER C 366 33.24 -9.87 -8.43
N PRO C 367 33.40 -8.61 -8.83
CA PRO C 367 33.29 -8.11 -10.22
C PRO C 367 34.61 -8.24 -10.96
N ILE C 368 34.59 -8.26 -12.29
CA ILE C 368 35.81 -8.40 -13.07
C ILE C 368 35.80 -7.37 -14.11
N VAL C 369 36.88 -6.62 -14.20
CA VAL C 369 36.96 -5.54 -15.18
C VAL C 369 37.71 -5.98 -16.44
N PRO C 370 37.06 -5.85 -17.60
CA PRO C 370 37.67 -6.22 -18.86
C PRO C 370 38.54 -5.15 -19.44
N SER C 371 39.64 -5.59 -20.03
CA SER C 371 40.58 -4.69 -20.63
C SER C 371 40.54 -5.05 -22.11
N PHE C 372 40.11 -4.11 -22.95
CA PHE C 372 39.98 -4.38 -24.40
C PHE C 372 41.22 -4.18 -25.29
N ASP C 373 42.38 -3.89 -24.68
CA ASP C 373 43.61 -3.80 -25.45
C ASP C 373 43.70 -5.20 -26.06
N MET C 374 43.45 -5.31 -27.36
CA MET C 374 43.30 -6.65 -27.97
C MET C 374 43.00 -6.61 -29.46
N SER C 375 43.24 -7.71 -30.17
CA SER C 375 42.94 -7.70 -31.60
C SER C 375 41.51 -8.08 -31.67
N ASN C 376 40.64 -7.07 -31.68
CA ASN C 376 39.20 -7.27 -31.67
C ASN C 376 38.69 -7.52 -33.08
N GLU C 377 37.39 -7.43 -33.27
CA GLU C 377 36.79 -7.67 -34.59
C GLU C 377 35.62 -6.71 -34.87
N GLY C 378 35.76 -5.43 -34.49
CA GLY C 378 34.63 -4.52 -34.65
C GLY C 378 33.83 -4.24 -33.36
N SER C 379 32.85 -3.36 -33.50
CA SER C 379 31.98 -3.04 -32.39
C SER C 379 30.52 -2.99 -32.84
N TYR C 380 30.25 -2.83 -34.11
CA TYR C 380 28.90 -2.69 -34.61
C TYR C 380 28.35 -3.96 -35.27
N PHE C 381 27.61 -4.78 -34.54
CA PHE C 381 26.97 -5.93 -35.15
C PHE C 381 26.37 -5.63 -36.53
N PHE C 382 25.93 -4.39 -36.76
CA PHE C 382 25.34 -4.04 -38.04
C PHE C 382 26.17 -3.02 -38.88
N SER D 1 26.85 4.19 -46.47
CA SER D 1 26.87 3.70 -45.07
C SER D 1 25.88 2.56 -44.84
N SER D 2 24.64 2.93 -44.46
CA SER D 2 23.57 2.01 -44.08
C SER D 2 23.93 1.10 -42.86
N GLY D 3 24.85 1.52 -41.99
CA GLY D 3 25.26 0.58 -40.95
C GLY D 3 24.99 1.17 -39.60
N GLN D 4 25.45 0.54 -38.53
CA GLN D 4 25.35 1.16 -37.22
C GLN D 4 26.27 2.40 -37.04
N ILE D 5 26.10 3.16 -35.96
CA ILE D 5 26.85 4.40 -35.68
C ILE D 5 27.13 4.58 -34.17
N SER D 6 26.33 3.87 -33.39
CA SER D 6 26.47 3.87 -31.95
C SER D 6 26.17 2.47 -31.45
N ILE D 7 26.63 2.19 -30.23
CA ILE D 7 26.36 0.94 -29.59
C ILE D 7 25.37 1.09 -28.44
N GLN D 8 24.29 0.29 -28.47
CA GLN D 8 23.30 0.23 -27.36
C GLN D 8 23.83 -0.69 -26.26
N PRO D 9 24.00 -0.21 -25.04
CA PRO D 9 24.64 -1.08 -24.05
C PRO D 9 23.68 -2.12 -23.44
N THR D 10 24.12 -3.38 -23.35
CA THR D 10 23.24 -4.41 -22.83
C THR D 10 23.73 -4.85 -21.50
N PHE D 11 24.97 -4.60 -21.14
CA PHE D 11 25.43 -5.04 -19.83
C PHE D 11 26.10 -3.96 -19.01
N SER D 12 26.28 -4.25 -17.73
CA SER D 12 26.84 -3.28 -16.85
C SER D 12 28.34 -3.59 -16.71
N VAL D 13 29.17 -2.95 -17.53
CA VAL D 13 30.61 -3.12 -17.39
C VAL D 13 31.39 -1.84 -17.76
N GLN D 14 32.62 -1.76 -17.32
CA GLN D 14 33.50 -0.66 -17.71
C GLN D 14 33.84 -0.69 -19.20
N ARG D 15 33.08 0.10 -19.95
CA ARG D 15 33.19 0.10 -21.40
C ARG D 15 33.02 1.46 -22.06
N ASN D 16 34.06 1.87 -22.77
CA ASN D 16 33.97 3.06 -23.62
C ASN D 16 32.81 2.86 -24.58
N LEU D 17 31.80 3.71 -24.53
CA LEU D 17 30.71 3.44 -25.43
C LEU D 17 30.89 4.05 -26.81
N PRO D 18 31.07 3.23 -27.87
CA PRO D 18 31.28 3.71 -29.26
C PRO D 18 30.15 4.41 -29.98
N PHE D 19 30.52 5.53 -30.61
CA PHE D 19 29.66 6.31 -31.51
C PHE D 19 30.57 6.99 -32.50
#